data_4UFR
#
_entry.id   4UFR
#
_cell.length_a   205.148
_cell.length_b   59.777
_cell.length_c   112.210
_cell.angle_alpha   90.00
_cell.angle_beta   99.51
_cell.angle_gamma   90.00
#
_symmetry.space_group_name_H-M   'C 1 2 1'
#
loop_
_entity.id
_entity.type
_entity.pdbx_description
1 polymer 'LEUCINE-RICH REPEAT-CONTAINING G-PROTEIN COUPLED RECEPTOR 5'
2 polymer R-SPONDIN-2
3 non-polymer 2-acetamido-2-deoxy-beta-D-glucopyranose
4 non-polymer 'CHLORIDE ION'
5 water water
#
loop_
_entity_poly.entity_id
_entity_poly.type
_entity_poly.pdbx_seq_one_letter_code
_entity_poly.pdbx_strand_id
1 'polypeptide(L)'
;ETGRGCPTHCHCEPDGRMLLRVDCSDLGLSELPSNLSVFTSYLDLSMNNISQLLPNPLPSLRFLEELRLAGNALTYIPKG
AFTGLYSLKVLMLQNNQLRHVPTEALQNLRSLQSLRLDANHISYVPPSCFSGLHSLRHLWLDDNALTEIPVQAFRSLSAL
QAMTLALNKIHHIPDYAFGNLSSLVVLHLHNNRIHSLGKKCFDGLHSLETLDLNYNNLDEFPTAIRTLSNLKELGFHSNN
IRSIPEKAFVGNPSLITIHFYDNPIQFVGRSAFQHLPELRTLTLNGASQITEFPDLTGTANLESLTLTGAQISSLPQTVC
NQLPNLQVLDLSYNLLEDLPSFSVCQKLQKIDLRHNEIYEIKVDTFQQLLSLRSLNLAWNKIAIIHPNAFSTLPSLIKLD
LSSNLLSSFPITGLHGLTHLKLTGNHALQSLISSENFPELKVIEMPYAYQCCAFGVCENNGNNGDSVQCSPSGTHHHHHH
HHHH
;
A,C
2 'polypeptide(L)'
;ETGICKGCLSCSKDNGCSRCQQKLFFFLRREGMRQYGECLHSCPSGYYGHRAPDMNRCARCRIENCDSCFSKDFCTKCKV
GFYLHRGRCFDECPDGFAPLDETMECVEGTHHHHHHHHHH
;
B,D
#
# COMPACT_ATOMS: atom_id res chain seq x y z
N ARG A 4 25.78 18.93 57.98
CA ARG A 4 27.25 18.98 58.24
C ARG A 4 27.94 17.60 58.39
N GLY A 5 27.19 16.49 58.29
CA GLY A 5 27.75 15.17 57.97
C GLY A 5 27.99 14.95 56.47
N CYS A 6 27.86 16.03 55.69
CA CYS A 6 27.98 16.02 54.23
C CYS A 6 28.95 17.13 53.79
N PRO A 7 29.85 16.87 52.81
CA PRO A 7 30.74 17.90 52.28
C PRO A 7 29.99 19.12 51.79
N THR A 8 30.66 20.26 51.85
CA THR A 8 30.12 21.57 51.45
C THR A 8 29.61 21.52 50.03
N HIS A 9 28.39 22.01 49.83
CA HIS A 9 27.68 22.02 48.52
C HIS A 9 27.24 20.65 47.98
N CYS A 10 27.69 19.56 48.59
CA CYS A 10 27.28 18.23 48.16
C CYS A 10 25.92 17.90 48.75
N HIS A 11 25.24 16.91 48.20
CA HIS A 11 24.03 16.42 48.87
C HIS A 11 24.19 14.94 49.23
N CYS A 12 23.73 14.57 50.42
CA CYS A 12 23.96 13.22 50.99
C CYS A 12 22.70 12.60 51.55
N GLU A 13 22.67 11.27 51.54
CA GLU A 13 21.49 10.57 51.98
C GLU A 13 21.82 9.14 52.44
N PRO A 14 21.18 8.64 53.51
CA PRO A 14 21.53 7.28 53.92
C PRO A 14 21.02 6.28 52.95
N ASP A 15 21.79 5.22 52.71
CA ASP A 15 21.30 4.12 51.90
C ASP A 15 20.54 3.14 52.81
N GLY A 16 20.21 1.96 52.29
CA GLY A 16 19.36 1.06 53.06
C GLY A 16 20.00 0.59 54.34
N ARG A 17 21.32 0.38 54.33
CA ARG A 17 22.11 0.01 55.52
C ARG A 17 22.55 1.18 56.38
N MET A 18 22.07 2.39 56.08
CA MET A 18 22.50 3.66 56.75
C MET A 18 23.98 4.02 56.55
N LEU A 19 24.63 3.40 55.60
CA LEU A 19 25.86 3.91 55.04
C LEU A 19 25.51 5.17 54.21
N LEU A 20 26.47 5.99 53.83
CA LEU A 20 26.15 7.30 53.26
C LEU A 20 26.28 7.32 51.71
N ARG A 21 25.26 7.88 51.05
CA ARG A 21 25.35 8.24 49.67
C ARG A 21 25.70 9.69 49.52
N VAL A 22 26.83 9.95 48.85
CA VAL A 22 27.31 11.32 48.68
C VAL A 22 27.21 11.74 47.20
N ASP A 23 26.45 12.80 46.93
CA ASP A 23 26.36 13.37 45.59
C ASP A 23 27.15 14.67 45.52
N CYS A 24 28.28 14.66 44.81
CA CYS A 24 29.05 15.87 44.56
C CYS A 24 29.16 16.17 43.03
N SER A 25 28.15 15.73 42.28
CA SER A 25 28.13 15.92 40.86
C SER A 25 27.76 17.37 40.50
N ASP A 26 28.32 17.84 39.38
CA ASP A 26 27.90 19.11 38.80
C ASP A 26 28.17 20.30 39.73
N LEU A 27 29.40 20.38 40.22
CA LEU A 27 29.83 21.48 41.07
C LEU A 27 31.12 22.12 40.57
N GLY A 28 31.47 21.84 39.32
CA GLY A 28 32.70 22.35 38.72
C GLY A 28 33.94 22.20 39.58
N LEU A 29 34.03 21.10 40.32
CA LEU A 29 35.16 20.88 41.22
C LEU A 29 36.34 20.41 40.40
N SER A 30 37.53 20.95 40.70
CA SER A 30 38.77 20.52 40.05
C SER A 30 39.48 19.47 40.89
N GLU A 31 39.12 19.41 42.17
CA GLU A 31 39.71 18.45 43.09
C GLU A 31 38.64 17.90 44.02
N LEU A 32 38.90 16.71 44.53
CA LEU A 32 37.99 16.01 45.41
C LEU A 32 37.69 16.78 46.70
N PRO A 33 36.48 16.57 47.26
CA PRO A 33 36.09 17.25 48.49
C PRO A 33 36.72 16.55 49.68
N SER A 34 36.67 17.20 50.85
CA SER A 34 37.68 16.99 51.89
C SER A 34 37.27 16.03 52.99
N ASN A 35 36.06 16.23 53.50
CA ASN A 35 35.67 15.60 54.76
C ASN A 35 34.66 14.50 54.53
N LEU A 36 35.10 13.48 53.80
CA LEU A 36 34.21 12.36 53.48
C LEU A 36 34.17 11.33 54.65
N SER A 37 32.96 11.01 55.08
CA SER A 37 32.71 9.93 56.03
C SER A 37 33.32 8.61 55.56
N VAL A 38 34.02 7.91 56.48
CA VAL A 38 34.53 6.53 56.25
C VAL A 38 33.39 5.55 55.98
N PHE A 39 32.20 5.94 56.40
CA PHE A 39 30.94 5.22 56.11
C PHE A 39 30.22 5.53 54.78
N THR A 40 30.97 6.05 53.81
CA THR A 40 30.46 6.35 52.45
C THR A 40 30.38 5.10 51.59
N SER A 41 29.18 4.79 51.12
CA SER A 41 28.99 3.64 50.26
C SER A 41 28.89 4.02 48.80
N TYR A 42 28.59 5.28 48.52
CA TYR A 42 28.37 5.74 47.15
C TYR A 42 28.85 7.18 47.03
N LEU A 43 29.70 7.40 46.02
CA LEU A 43 30.25 8.72 45.77
C LEU A 43 30.11 9.11 44.30
N ASP A 44 29.35 10.16 44.04
CA ASP A 44 29.14 10.62 42.69
C ASP A 44 29.87 11.93 42.50
N LEU A 45 30.92 11.87 41.70
CA LEU A 45 31.68 13.04 41.30
C LEU A 45 31.58 13.34 39.80
N SER A 46 30.47 12.92 39.16
CA SER A 46 30.19 13.19 37.74
C SER A 46 30.16 14.66 37.39
N MET A 47 30.42 15.00 36.13
CA MET A 47 30.20 16.35 35.59
C MET A 47 30.88 17.39 36.42
N ASN A 48 32.19 17.28 36.47
CA ASN A 48 33.01 18.22 37.21
C ASN A 48 34.22 18.50 36.31
N ASN A 49 35.25 19.17 36.85
CA ASN A 49 36.43 19.51 36.07
C ASN A 49 37.68 18.84 36.61
N ILE A 50 37.55 17.58 36.93
CA ILE A 50 38.61 16.83 37.53
C ILE A 50 39.47 16.22 36.44
N SER A 51 40.74 16.59 36.38
CA SER A 51 41.69 16.03 35.41
C SER A 51 42.81 15.23 36.08
N GLN A 52 43.05 15.50 37.36
CA GLN A 52 44.02 14.76 38.15
C GLN A 52 43.36 14.30 39.45
N LEU A 53 43.69 13.07 39.87
CA LEU A 53 43.39 12.54 41.20
C LEU A 53 44.71 12.40 42.00
N LEU A 54 45.44 13.50 42.18
CA LEU A 54 46.64 13.46 43.03
C LEU A 54 46.20 13.62 44.50
N PRO A 55 45.77 14.85 44.90
CA PRO A 55 45.23 14.94 46.27
C PRO A 55 43.83 14.29 46.40
N ASN A 56 43.82 13.01 46.79
CA ASN A 56 42.56 12.32 47.18
C ASN A 56 42.50 11.83 48.65
N PRO A 57 41.29 11.86 49.27
CA PRO A 57 41.01 11.17 50.54
C PRO A 57 40.43 9.74 50.36
N LEU A 58 40.54 9.19 49.15
CA LEU A 58 39.94 7.91 48.81
C LEU A 58 40.47 6.71 49.59
N PRO A 59 41.78 6.66 49.91
CA PRO A 59 42.24 5.55 50.74
C PRO A 59 41.46 5.25 52.04
N SER A 60 40.78 6.24 52.63
CA SER A 60 40.01 6.00 53.87
C SER A 60 38.60 5.43 53.62
N LEU A 61 38.18 5.30 52.36
CA LEU A 61 36.79 4.97 52.04
C LEU A 61 36.62 3.48 51.81
N ARG A 62 36.75 2.76 52.91
CA ARG A 62 36.82 1.32 52.91
C ARG A 62 35.53 0.61 52.65
N PHE A 63 34.41 1.33 52.83
CA PHE A 63 33.07 0.86 52.52
C PHE A 63 32.51 1.37 51.19
N LEU A 64 33.32 2.04 50.39
CA LEU A 64 32.84 2.68 49.14
C LEU A 64 32.65 1.63 48.07
N GLU A 65 31.41 1.47 47.64
CA GLU A 65 31.02 0.43 46.70
C GLU A 65 30.86 0.94 45.29
N GLU A 66 30.51 2.21 45.14
CA GLU A 66 30.20 2.77 43.83
C GLU A 66 30.81 4.15 43.71
N LEU A 67 31.64 4.35 42.69
CA LEU A 67 32.36 5.60 42.46
C LEU A 67 32.07 6.06 41.05
N ARG A 68 31.51 7.24 40.90
CA ARG A 68 31.19 7.78 39.58
C ARG A 68 32.03 9.00 39.26
N LEU A 69 32.78 8.87 38.16
CA LEU A 69 33.69 9.89 37.67
C LEU A 69 33.36 10.22 36.22
N ALA A 70 32.14 9.97 35.80
CA ALA A 70 31.78 10.25 34.43
C ALA A 70 31.89 11.73 34.15
N GLY A 71 32.18 12.08 32.90
CA GLY A 71 31.99 13.46 32.48
C GLY A 71 32.94 14.43 33.19
N ASN A 72 34.21 14.04 33.28
CA ASN A 72 35.25 14.91 33.83
C ASN A 72 36.33 15.06 32.73
N ALA A 73 37.57 15.35 33.08
CA ALA A 73 38.60 15.63 32.06
C ALA A 73 39.77 14.67 32.25
N LEU A 74 39.49 13.42 32.57
CA LEU A 74 40.57 12.51 32.81
C LEU A 74 41.19 12.00 31.52
N THR A 75 42.49 12.24 31.36
CA THR A 75 43.24 11.66 30.27
C THR A 75 44.11 10.47 30.70
N TYR A 76 44.17 10.28 32.03
CA TYR A 76 45.23 9.55 32.71
C TYR A 76 44.77 9.18 34.12
N ILE A 77 44.93 7.91 34.48
CA ILE A 77 44.67 7.46 35.86
C ILE A 77 45.92 6.72 36.38
N PRO A 78 46.52 7.27 37.46
CA PRO A 78 47.80 6.77 37.95
C PRO A 78 47.65 5.49 38.72
N LYS A 79 48.72 4.71 38.75
CA LYS A 79 48.82 3.45 39.48
C LYS A 79 48.03 3.32 40.79
N GLY A 80 48.19 4.28 41.66
CA GLY A 80 47.62 4.10 42.98
C GLY A 80 46.29 4.75 43.20
N ALA A 81 45.58 5.14 42.16
CA ALA A 81 44.43 6.01 42.35
C ALA A 81 43.35 5.37 43.21
N PHE A 82 43.21 4.04 43.13
CA PHE A 82 42.08 3.37 43.78
C PHE A 82 42.47 2.49 44.92
N THR A 83 43.72 2.68 45.37
CA THR A 83 44.24 2.06 46.55
C THR A 83 43.31 2.36 47.73
N GLY A 84 43.04 1.31 48.52
CA GLY A 84 42.22 1.43 49.70
C GLY A 84 40.73 1.28 49.50
N LEU A 85 40.25 1.20 48.25
CA LEU A 85 38.80 1.11 48.05
C LEU A 85 38.45 -0.37 47.99
N TYR A 86 38.58 -1.02 49.15
CA TYR A 86 38.57 -2.47 49.18
C TYR A 86 37.19 -3.05 48.87
N SER A 87 36.17 -2.21 49.06
CA SER A 87 34.80 -2.56 48.81
C SER A 87 34.27 -2.22 47.43
N LEU A 88 35.11 -1.71 46.54
CA LEU A 88 34.61 -1.09 45.27
C LEU A 88 34.02 -2.13 44.31
N LYS A 89 32.72 -1.97 44.03
CA LYS A 89 31.92 -2.86 43.14
C LYS A 89 31.69 -2.24 41.76
N VAL A 90 31.42 -0.95 41.73
CA VAL A 90 31.12 -0.25 40.51
C VAL A 90 32.02 0.96 40.34
N LEU A 91 32.73 1.04 39.21
CA LEU A 91 33.52 2.21 38.81
C LEU A 91 33.05 2.77 37.46
N MET A 92 32.63 4.03 37.44
CA MET A 92 32.17 4.68 36.24
C MET A 92 33.13 5.80 35.78
N LEU A 93 33.80 5.55 34.66
CA LEU A 93 34.71 6.49 34.02
C LEU A 93 34.23 6.85 32.60
N GLN A 94 32.95 6.67 32.27
CA GLN A 94 32.49 7.02 30.95
C GLN A 94 32.59 8.51 30.69
N ASN A 95 32.76 8.86 29.40
CA ASN A 95 32.67 10.26 28.96
C ASN A 95 33.81 11.10 29.59
N ASN A 96 35.04 10.61 29.41
CA ASN A 96 36.27 11.24 29.81
C ASN A 96 37.15 11.30 28.55
N GLN A 97 38.46 11.51 28.69
CA GLN A 97 39.33 11.69 27.56
C GLN A 97 40.45 10.71 27.55
N LEU A 98 40.21 9.51 28.04
CA LEU A 98 41.24 8.49 28.05
C LEU A 98 41.47 8.06 26.61
N ARG A 99 42.72 7.88 26.24
CA ARG A 99 43.08 7.42 24.91
C ARG A 99 43.63 5.97 24.91
N HIS A 100 43.86 5.43 26.11
CA HIS A 100 44.10 4.02 26.33
C HIS A 100 43.53 3.68 27.70
N VAL A 101 43.23 2.39 27.92
CA VAL A 101 42.79 1.91 29.24
C VAL A 101 44.00 2.04 30.15
N PRO A 102 43.85 2.66 31.33
CA PRO A 102 45.02 2.83 32.21
C PRO A 102 45.74 1.52 32.38
N THR A 103 47.05 1.57 32.26
CA THR A 103 47.88 0.39 32.24
C THR A 103 47.88 -0.38 33.59
N GLU A 104 47.66 0.33 34.69
CA GLU A 104 47.84 -0.24 36.03
C GLU A 104 46.78 0.12 37.06
N ALA A 105 46.16 1.30 36.94
CA ALA A 105 45.19 1.77 37.95
C ALA A 105 44.05 0.79 38.21
N LEU A 106 43.68 0.00 37.20
CA LEU A 106 42.54 -0.92 37.35
C LEU A 106 42.91 -2.36 37.69
N GLN A 107 44.19 -2.67 37.82
CA GLN A 107 44.61 -4.01 38.22
C GLN A 107 44.19 -4.31 39.62
N ASN A 108 43.79 -5.54 39.86
CA ASN A 108 43.69 -6.04 41.23
C ASN A 108 42.63 -5.35 42.12
N LEU A 109 41.63 -4.74 41.48
CA LEU A 109 40.45 -4.25 42.17
C LEU A 109 39.54 -5.47 42.27
N ARG A 110 39.79 -6.25 43.31
CA ARG A 110 39.35 -7.63 43.46
C ARG A 110 37.86 -7.81 43.55
N SER A 111 37.21 -6.81 44.17
CA SER A 111 35.79 -6.77 44.33
C SER A 111 35.06 -6.06 43.16
N LEU A 112 35.77 -5.58 42.14
CA LEU A 112 35.11 -4.83 41.05
C LEU A 112 34.20 -5.68 40.18
N GLN A 113 32.91 -5.37 40.17
CA GLN A 113 31.94 -6.08 39.30
C GLN A 113 31.56 -5.38 38.02
N SER A 114 31.53 -4.03 38.04
CA SER A 114 31.07 -3.23 36.91
C SER A 114 32.02 -2.09 36.60
N LEU A 115 32.56 -2.05 35.37
CA LEU A 115 33.48 -1.03 34.92
C LEU A 115 33.02 -0.37 33.60
N ARG A 116 32.71 0.92 33.67
CA ARG A 116 32.29 1.71 32.54
C ARG A 116 33.42 2.57 32.00
N LEU A 117 33.87 2.23 30.79
CA LEU A 117 34.90 2.97 30.08
C LEU A 117 34.32 3.52 28.74
N ASP A 118 33.01 3.54 28.64
CA ASP A 118 32.40 3.92 27.38
C ASP A 118 32.54 5.42 27.07
N ALA A 119 32.50 5.80 25.79
CA ALA A 119 32.53 7.22 25.43
C ALA A 119 33.82 7.92 25.92
N ASN A 120 34.96 7.29 25.66
CA ASN A 120 36.26 7.92 25.86
C ASN A 120 36.84 7.94 24.48
N HIS A 121 38.15 8.04 24.33
CA HIS A 121 38.75 8.04 23.01
C HIS A 121 39.75 6.92 22.91
N ILE A 122 39.40 5.78 23.49
CA ILE A 122 40.36 4.70 23.77
C ILE A 122 40.70 3.92 22.51
N SER A 123 42.00 3.91 22.15
CA SER A 123 42.45 3.22 20.97
C SER A 123 43.35 2.01 21.24
N TYR A 124 43.71 1.77 22.50
CA TYR A 124 44.67 0.75 22.88
C TYR A 124 44.21 0.20 24.24
N VAL A 125 44.07 -1.12 24.32
CA VAL A 125 43.87 -1.80 25.59
C VAL A 125 45.16 -2.54 25.94
N PRO A 126 45.96 -2.02 26.89
CA PRO A 126 47.22 -2.69 27.29
C PRO A 126 46.97 -4.12 27.76
N PRO A 127 47.84 -5.06 27.35
CA PRO A 127 47.77 -6.52 27.58
C PRO A 127 47.30 -7.01 28.95
N SER A 128 47.70 -6.35 30.02
CA SER A 128 47.41 -6.83 31.36
C SER A 128 46.70 -5.77 32.23
N CYS A 129 45.89 -4.91 31.59
CA CYS A 129 45.25 -3.81 32.31
C CYS A 129 44.04 -4.25 33.13
N PHE A 130 43.54 -5.43 32.82
CA PHE A 130 42.45 -6.08 33.60
C PHE A 130 42.90 -7.25 34.52
N SER A 131 44.18 -7.31 34.79
CA SER A 131 44.76 -8.36 35.58
C SER A 131 44.24 -8.28 36.99
N GLY A 132 43.85 -9.42 37.56
CA GLY A 132 43.39 -9.44 38.96
C GLY A 132 41.94 -9.06 39.16
N LEU A 133 41.26 -8.60 38.12
CA LEU A 133 39.84 -8.35 38.17
C LEU A 133 39.06 -9.66 38.23
N HIS A 134 39.30 -10.42 39.29
CA HIS A 134 38.67 -11.74 39.45
C HIS A 134 37.17 -11.66 39.48
N SER A 135 36.62 -10.53 39.91
CA SER A 135 35.18 -10.38 40.12
C SER A 135 34.44 -9.67 38.94
N LEU A 136 35.16 -9.20 37.93
CA LEU A 136 34.50 -8.35 36.90
C LEU A 136 33.44 -9.14 36.13
N ARG A 137 32.21 -8.61 36.11
CA ARG A 137 31.03 -9.18 35.44
C ARG A 137 30.53 -8.40 34.22
N HIS A 138 30.66 -7.07 34.25
CA HIS A 138 30.04 -6.20 33.22
C HIS A 138 31.08 -5.20 32.75
N LEU A 139 31.37 -5.16 31.45
CA LEU A 139 32.38 -4.28 30.90
C LEU A 139 31.84 -3.45 29.73
N TRP A 140 31.89 -2.13 29.85
CA TRP A 140 31.47 -1.23 28.76
C TRP A 140 32.67 -0.56 28.14
N LEU A 141 32.95 -0.92 26.88
CA LEU A 141 33.97 -0.31 26.02
C LEU A 141 33.35 0.31 24.76
N ASP A 142 32.03 0.48 24.76
CA ASP A 142 31.32 1.07 23.63
C ASP A 142 31.70 2.54 23.40
N ASP A 143 31.67 2.95 22.13
CA ASP A 143 31.93 4.34 21.76
C ASP A 143 33.37 4.80 22.07
N ASN A 144 34.35 4.13 21.51
CA ASN A 144 35.73 4.47 21.71
C ASN A 144 36.38 4.37 20.32
N ALA A 145 37.71 4.20 20.22
CA ALA A 145 38.35 4.10 18.93
C ALA A 145 39.08 2.78 18.75
N LEU A 146 38.49 1.67 19.16
CA LEU A 146 39.19 0.40 19.01
C LEU A 146 39.21 -0.06 17.56
N THR A 147 40.35 -0.56 17.12
CA THR A 147 40.51 -1.10 15.79
C THR A 147 40.60 -2.62 15.76
N GLU A 148 40.70 -3.24 16.94
CA GLU A 148 40.79 -4.70 17.05
C GLU A 148 40.32 -5.18 18.40
N ILE A 149 40.01 -6.46 18.48
CA ILE A 149 39.65 -7.11 19.74
C ILE A 149 40.92 -7.19 20.54
N PRO A 150 40.90 -6.72 21.80
CA PRO A 150 42.16 -6.83 22.60
C PRO A 150 42.23 -8.23 23.20
N VAL A 151 42.60 -9.20 22.36
CA VAL A 151 42.53 -10.64 22.61
C VAL A 151 43.28 -11.02 23.89
N GLN A 152 44.52 -10.56 24.01
CA GLN A 152 45.34 -10.73 25.20
C GLN A 152 44.72 -10.20 26.49
N ALA A 153 44.25 -8.94 26.49
CA ALA A 153 43.66 -8.33 27.70
C ALA A 153 42.46 -9.07 28.25
N PHE A 154 41.69 -9.69 27.37
CA PHE A 154 40.51 -10.45 27.75
C PHE A 154 40.85 -11.91 28.13
N ARG A 155 42.09 -12.35 27.94
CA ARG A 155 42.51 -13.70 28.36
C ARG A 155 42.12 -13.96 29.82
N SER A 156 42.28 -12.93 30.64
CA SER A 156 42.04 -13.00 32.09
C SER A 156 40.58 -13.32 32.39
N LEU A 157 39.67 -12.51 31.83
CA LEU A 157 38.31 -12.27 32.34
C LEU A 157 37.28 -13.41 32.23
N SER A 158 37.53 -14.51 32.94
CA SER A 158 36.62 -15.66 32.83
C SER A 158 35.29 -15.53 33.61
N ALA A 159 35.15 -14.49 34.43
CA ALA A 159 33.92 -14.21 35.22
C ALA A 159 32.98 -13.22 34.52
N LEU A 160 33.38 -12.72 33.35
CA LEU A 160 32.61 -11.71 32.68
C LEU A 160 31.34 -12.29 32.10
N GLN A 161 30.21 -11.59 32.32
CA GLN A 161 28.85 -11.98 31.86
C GLN A 161 28.27 -11.05 30.78
N ALA A 162 28.57 -9.76 30.83
CA ALA A 162 28.04 -8.81 29.84
C ALA A 162 29.14 -7.87 29.38
N MET A 163 29.32 -7.78 28.06
CA MET A 163 30.26 -6.86 27.43
C MET A 163 29.69 -6.18 26.21
N THR A 164 30.03 -4.89 26.05
CA THR A 164 29.80 -4.17 24.79
C THR A 164 31.04 -3.49 24.26
N LEU A 165 31.35 -3.78 22.99
CA LEU A 165 32.41 -3.13 22.22
C LEU A 165 31.75 -2.36 21.07
N ALA A 166 30.48 -1.97 21.22
CA ALA A 166 29.73 -1.35 20.13
C ALA A 166 30.30 0.02 19.83
N LEU A 167 30.04 0.54 18.63
CA LEU A 167 30.44 1.92 18.23
C LEU A 167 31.95 2.08 18.36
N ASN A 168 32.69 1.18 17.72
CA ASN A 168 34.14 1.31 17.58
C ASN A 168 34.48 1.05 16.12
N LYS A 169 35.74 0.83 15.77
CA LYS A 169 36.15 0.61 14.42
C LYS A 169 36.79 -0.75 14.19
N ILE A 170 36.20 -1.78 14.75
CA ILE A 170 36.74 -3.12 14.61
C ILE A 170 36.35 -3.67 13.24
N HIS A 171 37.32 -4.23 12.52
CA HIS A 171 37.12 -4.70 11.17
C HIS A 171 37.21 -6.22 11.00
N HIS A 172 37.84 -6.92 11.96
CA HIS A 172 38.05 -8.38 11.88
C HIS A 172 37.97 -8.98 13.29
N ILE A 173 37.28 -10.13 13.43
CA ILE A 173 37.32 -10.92 14.67
C ILE A 173 38.06 -12.22 14.36
N PRO A 174 39.27 -12.38 14.95
CA PRO A 174 40.10 -13.56 14.68
C PRO A 174 39.60 -14.81 15.38
N ASP A 175 40.03 -15.97 14.93
CA ASP A 175 39.78 -17.21 15.66
C ASP A 175 40.18 -17.07 17.12
N TYR A 176 39.29 -17.54 17.98
CA TYR A 176 39.41 -17.54 19.44
C TYR A 176 39.56 -16.18 20.07
N ALA A 177 39.01 -15.14 19.45
CA ALA A 177 39.19 -13.81 19.94
C ALA A 177 38.74 -13.62 21.35
N PHE A 178 37.68 -14.33 21.74
CA PHE A 178 37.08 -14.25 23.10
C PHE A 178 37.24 -15.55 23.86
N GLY A 179 38.36 -16.22 23.63
CA GLY A 179 38.52 -17.64 23.86
C GLY A 179 38.33 -18.19 25.26
N ASN A 180 38.47 -17.29 26.24
CA ASN A 180 38.40 -17.66 27.63
C ASN A 180 37.24 -16.98 28.40
N LEU A 181 36.30 -16.36 27.68
CA LEU A 181 35.11 -15.74 28.29
C LEU A 181 34.00 -16.74 28.45
N SER A 182 34.24 -17.75 29.27
CA SER A 182 33.31 -18.87 29.31
C SER A 182 32.02 -18.56 30.04
N SER A 183 31.98 -17.45 30.79
CA SER A 183 30.77 -17.03 31.53
C SER A 183 29.97 -15.99 30.73
N LEU A 184 30.47 -15.55 29.57
CA LEU A 184 29.86 -14.45 28.83
C LEU A 184 28.49 -14.84 28.35
N VAL A 185 27.52 -14.00 28.72
CA VAL A 185 26.11 -14.17 28.40
C VAL A 185 25.68 -13.26 27.24
N VAL A 186 26.10 -11.99 27.25
CA VAL A 186 25.78 -11.02 26.19
C VAL A 186 27.04 -10.37 25.66
N LEU A 187 27.14 -10.35 24.33
CA LEU A 187 28.21 -9.69 23.66
C LEU A 187 27.60 -8.77 22.55
N HIS A 188 27.93 -7.48 22.64
CA HIS A 188 27.41 -6.46 21.72
C HIS A 188 28.53 -5.92 20.91
N LEU A 189 28.46 -6.11 19.59
CA LEU A 189 29.45 -5.62 18.64
C LEU A 189 28.85 -4.69 17.58
N HIS A 190 27.69 -4.13 17.84
CA HIS A 190 27.00 -3.35 16.83
C HIS A 190 27.73 -2.06 16.46
N ASN A 191 27.54 -1.56 15.25
CA ASN A 191 28.19 -0.33 14.80
C ASN A 191 29.68 -0.40 14.90
N ASN A 192 30.24 -1.45 14.32
CA ASN A 192 31.66 -1.53 14.11
C ASN A 192 31.83 -1.61 12.58
N ARG A 193 32.96 -2.07 12.08
CA ARG A 193 33.15 -2.17 10.68
C ARG A 193 33.59 -3.56 10.31
N ILE A 194 32.98 -4.55 10.95
CA ILE A 194 33.43 -5.91 10.84
C ILE A 194 33.08 -6.44 9.48
N HIS A 195 34.11 -6.81 8.70
CA HIS A 195 33.91 -7.41 7.38
C HIS A 195 34.08 -8.89 7.45
N SER A 196 35.04 -9.33 8.25
CA SER A 196 35.39 -10.74 8.31
C SER A 196 35.49 -11.30 9.72
N LEU A 197 35.03 -12.53 9.82
CA LEU A 197 34.96 -13.31 11.05
C LEU A 197 35.73 -14.60 10.79
N GLY A 198 36.63 -14.96 11.68
CA GLY A 198 37.23 -16.28 11.57
C GLY A 198 36.17 -17.36 11.77
N LYS A 199 36.41 -18.53 11.18
CA LYS A 199 35.51 -19.67 11.26
CA LYS A 199 35.45 -19.61 11.27
C LYS A 199 35.37 -20.22 12.69
N LYS A 200 36.29 -19.84 13.58
CA LYS A 200 36.24 -20.24 14.98
C LYS A 200 36.32 -19.03 15.91
N CYS A 201 35.85 -17.89 15.44
CA CYS A 201 36.09 -16.64 16.17
C CYS A 201 35.27 -16.53 17.42
N PHE A 202 34.23 -17.37 17.59
CA PHE A 202 33.40 -17.32 18.82
C PHE A 202 33.59 -18.53 19.71
N ASP A 203 34.50 -19.44 19.35
CA ASP A 203 34.81 -20.60 20.21
C ASP A 203 35.26 -20.12 21.59
N GLY A 204 34.80 -20.82 22.62
CA GLY A 204 35.07 -20.43 24.00
C GLY A 204 33.89 -19.76 24.68
N LEU A 205 32.97 -19.20 23.90
CA LEU A 205 31.80 -18.53 24.46
C LEU A 205 30.70 -19.54 24.81
N HIS A 206 30.98 -20.41 25.78
CA HIS A 206 30.11 -21.52 26.08
C HIS A 206 28.75 -21.09 26.60
N SER A 207 28.72 -19.95 27.28
CA SER A 207 27.48 -19.50 27.95
C SER A 207 26.69 -18.43 27.21
N LEU A 208 27.11 -18.07 26.01
CA LEU A 208 26.56 -16.87 25.34
C LEU A 208 25.13 -17.11 24.91
N GLU A 209 24.26 -16.18 25.29
CA GLU A 209 22.85 -16.18 24.91
C GLU A 209 22.42 -15.09 23.94
N THR A 210 23.14 -13.99 23.94
CA THR A 210 22.86 -12.91 23.05
C THR A 210 24.15 -12.54 22.30
N LEU A 211 24.05 -12.45 20.99
CA LEU A 211 25.15 -11.96 20.15
C LEU A 211 24.59 -10.92 19.19
N ASP A 212 25.20 -9.77 19.14
CA ASP A 212 24.71 -8.69 18.35
C ASP A 212 25.83 -8.21 17.46
N LEU A 213 25.65 -8.43 16.15
CA LEU A 213 26.55 -8.00 15.09
C LEU A 213 25.82 -7.03 14.14
N ASN A 214 24.78 -6.37 14.62
CA ASN A 214 24.03 -5.42 13.78
C ASN A 214 24.85 -4.21 13.33
N TYR A 215 24.56 -3.69 12.17
CA TYR A 215 25.25 -2.50 11.66
C TYR A 215 26.73 -2.76 11.56
N ASN A 216 27.13 -3.68 10.68
CA ASN A 216 28.52 -3.96 10.37
C ASN A 216 28.60 -4.14 8.88
N ASN A 217 29.69 -4.73 8.36
CA ASN A 217 29.97 -4.81 6.93
C ASN A 217 30.21 -6.23 6.47
N LEU A 218 29.59 -7.20 7.12
CA LEU A 218 29.80 -8.60 6.77
C LEU A 218 29.34 -8.88 5.36
N ASP A 219 30.18 -9.53 4.57
CA ASP A 219 29.81 -9.98 3.25
C ASP A 219 29.28 -11.40 3.32
N GLU A 220 29.61 -12.12 4.38
CA GLU A 220 29.33 -13.53 4.44
C GLU A 220 28.68 -13.95 5.75
N PHE A 221 27.90 -15.03 5.67
CA PHE A 221 27.17 -15.51 6.83
C PHE A 221 28.15 -15.99 7.90
N PRO A 222 27.91 -15.60 9.16
CA PRO A 222 28.84 -15.94 10.24
C PRO A 222 28.77 -17.37 10.70
N THR A 223 29.41 -18.26 9.95
CA THR A 223 29.51 -19.68 10.25
C THR A 223 29.97 -19.98 11.68
N ALA A 224 30.75 -19.07 12.24
CA ALA A 224 31.31 -19.18 13.59
C ALA A 224 30.28 -19.34 14.73
N ILE A 225 29.02 -19.01 14.47
CA ILE A 225 28.00 -19.18 15.46
C ILE A 225 27.64 -20.63 15.73
N ARG A 226 28.16 -21.57 14.94
CA ARG A 226 27.76 -22.99 15.03
C ARG A 226 28.04 -23.61 16.42
N THR A 227 29.05 -23.05 17.05
CA THR A 227 29.55 -23.42 18.35
C THR A 227 28.67 -22.92 19.47
N LEU A 228 27.86 -21.89 19.21
CA LEU A 228 27.14 -21.17 20.25
C LEU A 228 25.87 -21.88 20.63
N SER A 229 26.03 -23.00 21.32
CA SER A 229 24.94 -23.93 21.56
C SER A 229 23.81 -23.37 22.48
N ASN A 230 24.10 -22.33 23.26
CA ASN A 230 23.11 -21.70 24.15
C ASN A 230 22.52 -20.39 23.60
N LEU A 231 22.89 -20.03 22.39
CA LEU A 231 22.41 -18.77 21.78
C LEU A 231 20.89 -18.77 21.66
N LYS A 232 20.30 -17.70 22.21
CA LYS A 232 18.88 -17.47 22.20
C LYS A 232 18.53 -16.27 21.32
N GLU A 233 19.37 -15.24 21.28
CA GLU A 233 19.07 -14.04 20.44
C GLU A 233 20.29 -13.71 19.61
N LEU A 234 20.10 -13.62 18.32
CA LEU A 234 21.17 -13.37 17.38
C LEU A 234 20.73 -12.23 16.47
N GLY A 235 21.59 -11.25 16.28
CA GLY A 235 21.25 -10.09 15.45
C GLY A 235 22.38 -9.90 14.47
N PHE A 236 22.11 -9.94 13.18
CA PHE A 236 23.10 -9.56 12.19
C PHE A 236 22.50 -8.70 11.09
N HIS A 237 21.51 -7.90 11.47
CA HIS A 237 20.86 -7.01 10.54
C HIS A 237 21.72 -5.85 10.09
N SER A 238 21.45 -5.32 8.90
CA SER A 238 22.20 -4.18 8.35
C SER A 238 23.68 -4.51 8.16
N ASN A 239 23.90 -5.58 7.41
CA ASN A 239 25.19 -6.01 6.95
C ASN A 239 25.06 -6.21 5.45
N ASN A 240 25.98 -6.92 4.83
CA ASN A 240 25.94 -7.13 3.40
C ASN A 240 25.84 -8.60 3.03
N ILE A 241 25.09 -9.33 3.84
CA ILE A 241 25.01 -10.76 3.68
C ILE A 241 24.04 -11.07 2.58
N ARG A 242 24.42 -12.09 1.82
CA ARG A 242 23.85 -12.36 0.53
C ARG A 242 23.14 -13.72 0.47
N SER A 243 23.54 -14.62 1.35
CA SER A 243 22.81 -15.84 1.54
C SER A 243 22.91 -16.36 2.97
N ILE A 244 21.88 -17.09 3.34
CA ILE A 244 21.86 -17.89 4.55
C ILE A 244 22.00 -19.35 4.08
N PRO A 245 23.07 -20.03 4.50
CA PRO A 245 23.35 -21.33 3.93
C PRO A 245 22.52 -22.43 4.54
N GLU A 246 22.62 -23.65 4.00
CA GLU A 246 21.93 -24.81 4.56
C GLU A 246 22.54 -25.07 5.94
N LYS A 247 21.75 -25.72 6.79
CA LYS A 247 22.10 -26.05 8.18
C LYS A 247 22.77 -24.88 8.93
N ALA A 248 22.33 -23.67 8.61
CA ALA A 248 22.95 -22.46 9.16
C ALA A 248 22.83 -22.35 10.68
N PHE A 249 21.66 -22.71 11.20
CA PHE A 249 21.41 -22.60 12.63
C PHE A 249 21.36 -23.97 13.33
N VAL A 250 22.08 -24.95 12.78
CA VAL A 250 22.06 -26.32 13.27
C VAL A 250 22.66 -26.44 14.68
N GLY A 251 23.57 -25.53 15.01
CA GLY A 251 24.17 -25.54 16.33
C GLY A 251 23.44 -24.69 17.36
N ASN A 252 22.30 -24.07 16.97
CA ASN A 252 21.61 -23.07 17.81
C ASN A 252 20.13 -23.38 18.00
N PRO A 253 19.81 -24.56 18.56
CA PRO A 253 18.42 -24.97 18.72
C PRO A 253 17.62 -24.16 19.78
N SER A 254 18.27 -23.30 20.55
CA SER A 254 17.56 -22.47 21.53
C SER A 254 17.18 -21.05 21.02
N LEU A 255 17.50 -20.73 19.77
CA LEU A 255 17.28 -19.38 19.24
C LEU A 255 15.82 -19.03 19.27
N ILE A 256 15.50 -17.93 19.92
CA ILE A 256 14.17 -17.38 20.00
C ILE A 256 13.99 -16.32 18.89
N THR A 257 15.08 -15.62 18.61
CA THR A 257 15.07 -14.42 17.83
C THR A 257 16.29 -14.39 16.93
N ILE A 258 16.05 -14.26 15.63
CA ILE A 258 17.07 -14.05 14.64
C ILE A 258 16.67 -12.82 13.79
N HIS A 259 17.44 -11.72 13.89
CA HIS A 259 17.15 -10.49 13.16
C HIS A 259 18.21 -10.28 12.09
N PHE A 260 17.81 -10.28 10.83
CA PHE A 260 18.70 -10.14 9.69
C PHE A 260 18.13 -9.31 8.52
N TYR A 261 17.18 -8.43 8.81
CA TYR A 261 16.66 -7.51 7.81
C TYR A 261 17.76 -6.51 7.37
N ASP A 262 17.48 -5.78 6.26
CA ASP A 262 18.44 -4.87 5.61
C ASP A 262 19.78 -5.56 5.31
N ASN A 263 19.70 -6.81 4.89
CA ASN A 263 20.79 -7.50 4.24
C ASN A 263 20.27 -7.79 2.83
N PRO A 264 21.10 -7.58 1.79
CA PRO A 264 20.65 -8.02 0.48
C PRO A 264 20.59 -9.54 0.39
N ILE A 265 19.79 -10.19 1.21
CA ILE A 265 19.72 -11.63 1.11
C ILE A 265 18.99 -11.98 -0.19
N GLN A 266 19.50 -13.00 -0.89
CA GLN A 266 18.97 -13.41 -2.18
C GLN A 266 18.55 -14.87 -2.10
N PHE A 267 19.48 -15.72 -1.69
CA PHE A 267 19.18 -17.13 -1.45
C PHE A 267 19.11 -17.49 0.05
N VAL A 268 18.29 -18.51 0.37
CA VAL A 268 18.25 -19.15 1.67
C VAL A 268 18.20 -20.67 1.51
N GLY A 269 19.08 -21.38 2.17
CA GLY A 269 19.13 -22.85 2.09
C GLY A 269 17.83 -23.56 2.43
N ARG A 270 17.73 -24.80 1.96
CA ARG A 270 16.48 -25.57 2.09
C ARG A 270 16.20 -25.78 3.56
N SER A 271 17.23 -26.26 4.25
CA SER A 271 17.12 -26.65 5.64
C SER A 271 17.26 -25.52 6.64
N ALA A 272 17.63 -24.33 6.18
CA ALA A 272 18.17 -23.26 7.04
C ALA A 272 17.41 -23.03 8.32
N PHE A 273 16.08 -23.12 8.30
CA PHE A 273 15.23 -22.77 9.45
C PHE A 273 14.51 -23.95 10.14
N GLN A 274 14.95 -25.17 9.84
CA GLN A 274 14.45 -26.35 10.55
C GLN A 274 15.02 -26.37 11.93
N HIS A 275 14.34 -27.13 12.80
CA HIS A 275 14.84 -27.53 14.12
C HIS A 275 15.12 -26.35 15.06
N LEU A 276 14.23 -25.36 15.03
CA LEU A 276 14.32 -24.16 15.85
C LEU A 276 13.03 -24.03 16.57
N PRO A 277 12.82 -24.87 17.57
CA PRO A 277 11.50 -24.91 18.20
C PRO A 277 11.11 -23.68 18.97
N GLU A 278 12.05 -22.79 19.25
CA GLU A 278 11.74 -21.61 20.04
C GLU A 278 11.61 -20.34 19.22
N LEU A 279 11.96 -20.38 17.92
CA LEU A 279 11.93 -19.18 17.10
C LEU A 279 10.48 -18.68 16.94
N ARG A 280 10.25 -17.40 17.24
CA ARG A 280 8.92 -16.79 17.28
C ARG A 280 8.56 -15.95 16.03
N THR A 281 9.56 -15.35 15.38
CA THR A 281 9.31 -14.49 14.23
C THR A 281 10.29 -14.87 13.12
N LEU A 282 9.85 -14.84 11.87
CA LEU A 282 10.76 -14.95 10.73
C LEU A 282 10.38 -13.89 9.68
N THR A 283 11.37 -13.13 9.20
CA THR A 283 11.12 -11.99 8.31
C THR A 283 12.17 -11.89 7.21
N LEU A 284 11.72 -12.06 5.97
CA LEU A 284 12.55 -11.91 4.79
C LEU A 284 11.85 -10.97 3.82
N ASN A 285 12.41 -9.79 3.58
CA ASN A 285 11.85 -8.87 2.63
C ASN A 285 12.83 -8.71 1.49
N GLY A 286 12.43 -9.01 0.25
CA GLY A 286 13.28 -8.78 -0.92
C GLY A 286 14.22 -9.93 -1.26
N ALA A 287 13.86 -11.17 -0.90
CA ALA A 287 14.73 -12.32 -1.16
C ALA A 287 14.53 -12.94 -2.56
N SER A 288 14.97 -12.25 -3.60
CA SER A 288 14.63 -12.59 -5.00
C SER A 288 14.79 -14.05 -5.47
N GLN A 289 15.92 -14.69 -5.15
CA GLN A 289 16.27 -16.02 -5.68
C GLN A 289 15.60 -17.12 -4.84
N ILE A 290 14.67 -16.79 -3.96
CA ILE A 290 13.98 -17.82 -3.18
C ILE A 290 12.78 -18.26 -3.99
N THR A 291 12.83 -19.51 -4.40
CA THR A 291 11.81 -20.09 -5.26
C THR A 291 10.91 -21.05 -4.48
N GLU A 292 11.40 -21.50 -3.30
CA GLU A 292 10.67 -22.45 -2.44
C GLU A 292 10.41 -21.93 -1.03
N PHE A 293 9.16 -22.07 -0.59
CA PHE A 293 8.77 -21.87 0.81
C PHE A 293 9.61 -22.79 1.69
N PRO A 294 10.22 -22.21 2.75
CA PRO A 294 11.23 -22.92 3.54
C PRO A 294 10.63 -24.11 4.30
N ASP A 295 11.41 -25.16 4.48
CA ASP A 295 10.96 -26.23 5.36
C ASP A 295 11.08 -25.79 6.81
N LEU A 296 9.98 -25.85 7.57
CA LEU A 296 9.95 -25.49 8.98
C LEU A 296 9.76 -26.71 9.91
N THR A 297 10.37 -27.82 9.58
CA THR A 297 10.26 -28.99 10.42
C THR A 297 11.00 -28.71 11.70
N GLY A 298 10.38 -29.04 12.84
CA GLY A 298 10.96 -28.80 14.15
C GLY A 298 10.92 -27.35 14.57
N THR A 299 10.15 -26.52 13.85
CA THR A 299 10.16 -25.08 14.01
C THR A 299 8.70 -24.65 14.02
N ALA A 300 7.93 -25.18 14.98
CA ALA A 300 6.47 -25.06 14.98
C ALA A 300 5.92 -23.90 15.80
N ASN A 301 6.77 -23.00 16.26
CA ASN A 301 6.31 -21.92 17.15
C ASN A 301 6.32 -20.53 16.59
N LEU A 302 6.48 -20.41 15.27
CA LEU A 302 6.38 -19.10 14.63
C LEU A 302 5.02 -18.48 14.90
N GLU A 303 5.02 -17.27 15.46
CA GLU A 303 3.83 -16.43 15.54
C GLU A 303 3.71 -15.45 14.35
N SER A 304 4.76 -15.27 13.60
CA SER A 304 4.72 -14.27 12.54
C SER A 304 5.69 -14.68 11.46
N LEU A 305 5.24 -14.70 10.19
CA LEU A 305 6.06 -15.13 9.07
C LEU A 305 5.86 -14.24 7.87
N THR A 306 6.96 -13.66 7.40
CA THR A 306 6.93 -12.66 6.39
C THR A 306 7.97 -13.04 5.38
N LEU A 307 7.55 -13.31 4.14
CA LEU A 307 8.44 -13.69 3.07
C LEU A 307 7.99 -13.02 1.76
N THR A 308 8.61 -11.91 1.41
CA THR A 308 8.12 -11.06 0.33
C THR A 308 9.19 -10.80 -0.69
N GLY A 309 8.76 -10.46 -1.90
CA GLY A 309 9.68 -10.06 -2.93
C GLY A 309 10.49 -11.21 -3.47
N ALA A 310 9.92 -12.40 -3.40
CA ALA A 310 10.64 -13.61 -3.82
C ALA A 310 9.97 -14.19 -5.06
N GLN A 311 10.37 -15.39 -5.47
CA GLN A 311 9.81 -16.01 -6.67
C GLN A 311 8.98 -17.21 -6.24
N ILE A 312 8.33 -17.11 -5.10
CA ILE A 312 7.54 -18.22 -4.62
C ILE A 312 6.24 -18.34 -5.42
N SER A 313 6.11 -19.51 -6.07
CA SER A 313 5.02 -19.87 -6.99
C SER A 313 3.90 -20.69 -6.32
N SER A 314 4.29 -21.58 -5.42
CA SER A 314 3.33 -22.46 -4.75
C SER A 314 3.69 -22.65 -3.28
N LEU A 315 2.68 -23.02 -2.50
CA LEU A 315 2.87 -23.47 -1.15
C LEU A 315 2.42 -24.91 -1.12
N PRO A 316 3.04 -25.73 -0.24
CA PRO A 316 2.57 -27.09 -0.10
C PRO A 316 1.14 -27.12 0.40
N GLN A 317 0.37 -28.05 -0.14
CA GLN A 317 -0.97 -28.37 0.37
C GLN A 317 -0.99 -28.50 1.93
N THR A 318 0.05 -29.09 2.50
CA THR A 318 0.12 -29.33 3.95
C THR A 318 0.96 -28.30 4.72
N VAL A 319 1.00 -27.07 4.22
CA VAL A 319 1.91 -26.08 4.75
C VAL A 319 1.49 -25.65 6.15
N CYS A 320 0.18 -25.61 6.42
CA CYS A 320 -0.31 -25.19 7.73
C CYS A 320 -0.05 -26.22 8.85
N ASN A 321 0.34 -27.44 8.50
CA ASN A 321 0.68 -28.40 9.53
C ASN A 321 1.93 -27.93 10.29
N GLN A 322 2.77 -27.13 9.64
CA GLN A 322 3.98 -26.61 10.29
C GLN A 322 3.74 -25.28 10.95
N LEU A 323 2.51 -24.74 10.93
CA LEU A 323 2.28 -23.38 11.39
C LEU A 323 1.13 -23.24 12.37
N PRO A 324 1.07 -24.13 13.37
CA PRO A 324 -0.07 -24.09 14.29
C PRO A 324 -0.20 -22.85 15.15
N ASN A 325 0.88 -22.11 15.42
CA ASN A 325 0.77 -20.90 16.24
C ASN A 325 0.83 -19.61 15.44
N LEU A 326 0.81 -19.69 14.12
CA LEU A 326 1.01 -18.51 13.28
C LEU A 326 -0.17 -17.54 13.34
N GLN A 327 0.13 -16.29 13.72
CA GLN A 327 -0.83 -15.20 13.85
C GLN A 327 -0.74 -14.21 12.70
N VAL A 328 0.41 -14.09 12.06
CA VAL A 328 0.61 -13.13 10.97
C VAL A 328 1.29 -13.89 9.86
N LEU A 329 0.72 -13.83 8.67
CA LEU A 329 1.42 -14.38 7.52
C LEU A 329 1.42 -13.32 6.40
N ASP A 330 2.61 -12.98 5.90
CA ASP A 330 2.78 -11.95 4.89
C ASP A 330 3.60 -12.54 3.76
N LEU A 331 2.95 -12.76 2.63
CA LEU A 331 3.64 -13.28 1.48
C LEU A 331 3.36 -12.34 0.31
N SER A 332 3.23 -11.06 0.58
CA SER A 332 2.96 -10.15 -0.50
C SER A 332 4.14 -10.18 -1.48
N TYR A 333 3.91 -9.80 -2.73
CA TYR A 333 4.98 -9.62 -3.74
C TYR A 333 5.71 -10.89 -4.10
N ASN A 334 4.95 -11.97 -4.30
CA ASN A 334 5.50 -13.22 -4.83
C ASN A 334 4.81 -13.56 -6.15
N LEU A 335 4.86 -14.82 -6.56
CA LEU A 335 4.26 -15.30 -7.80
C LEU A 335 3.14 -16.30 -7.52
N LEU A 336 2.53 -16.26 -6.34
CA LEU A 336 1.51 -17.24 -5.99
C LEU A 336 0.35 -17.28 -6.98
N GLU A 337 -0.03 -18.50 -7.39
CA GLU A 337 -1.18 -18.72 -8.27
C GLU A 337 -2.24 -19.48 -7.46
N ASP A 338 -1.95 -20.72 -7.07
CA ASP A 338 -2.92 -21.55 -6.34
C ASP A 338 -2.62 -21.55 -4.86
N LEU A 339 -3.64 -21.20 -4.06
CA LEU A 339 -3.58 -21.18 -2.61
C LEU A 339 -3.97 -22.50 -2.03
N PRO A 340 -3.25 -22.98 -1.00
CA PRO A 340 -3.77 -24.14 -0.32
C PRO A 340 -4.90 -23.70 0.61
N SER A 341 -5.39 -24.63 1.42
CA SER A 341 -6.30 -24.28 2.49
C SER A 341 -5.53 -23.77 3.68
N PHE A 342 -5.97 -22.67 4.27
CA PHE A 342 -5.29 -22.14 5.41
C PHE A 342 -5.93 -22.53 6.72
N SER A 343 -6.86 -23.48 6.69
CA SER A 343 -7.70 -23.74 7.88
C SER A 343 -6.94 -24.36 9.04
N VAL A 344 -5.88 -25.09 8.75
CA VAL A 344 -5.09 -25.69 9.82
C VAL A 344 -4.23 -24.62 10.50
N CYS A 345 -3.95 -23.50 9.83
CA CYS A 345 -3.39 -22.32 10.52
C CYS A 345 -4.44 -21.64 11.38
N GLN A 346 -4.90 -22.32 12.41
CA GLN A 346 -6.04 -21.87 13.20
C GLN A 346 -5.86 -20.53 13.89
N LYS A 347 -4.62 -20.13 14.17
CA LYS A 347 -4.44 -18.91 14.96
C LYS A 347 -4.37 -17.64 14.11
N LEU A 348 -4.45 -17.76 12.78
CA LEU A 348 -4.15 -16.62 11.93
C LEU A 348 -5.05 -15.45 12.23
N GLN A 349 -4.42 -14.29 12.42
CA GLN A 349 -5.10 -13.01 12.65
C GLN A 349 -5.01 -12.08 11.46
N LYS A 350 -4.01 -12.26 10.62
CA LYS A 350 -3.77 -11.34 9.56
C LYS A 350 -3.08 -12.13 8.45
N ILE A 351 -3.58 -11.98 7.21
CA ILE A 351 -3.03 -12.60 6.02
C ILE A 351 -2.83 -11.49 4.94
N ASP A 352 -1.62 -11.37 4.39
CA ASP A 352 -1.36 -10.35 3.38
C ASP A 352 -0.85 -11.11 2.18
N LEU A 353 -1.64 -11.17 1.11
CA LEU A 353 -1.23 -11.85 -0.08
C LEU A 353 -1.23 -10.91 -1.32
N ARG A 354 -1.04 -9.64 -1.07
CA ARG A 354 -1.11 -8.65 -2.13
C ARG A 354 0.02 -8.88 -3.08
N HIS A 355 -0.20 -8.42 -4.32
CA HIS A 355 0.74 -8.53 -5.42
C HIS A 355 1.30 -9.92 -5.64
N ASN A 356 0.39 -10.85 -5.83
CA ASN A 356 0.72 -12.15 -6.35
C ASN A 356 -0.06 -12.34 -7.66
N GLU A 357 -0.27 -13.58 -8.09
CA GLU A 357 -0.91 -13.86 -9.36
C GLU A 357 -2.14 -14.73 -9.11
N ILE A 358 -2.86 -14.45 -8.05
CA ILE A 358 -3.88 -15.41 -7.62
C ILE A 358 -5.11 -15.14 -8.47
N TYR A 359 -5.72 -16.23 -8.93
CA TYR A 359 -6.82 -16.11 -9.89
C TYR A 359 -8.19 -16.51 -9.34
N GLU A 360 -8.23 -17.39 -8.33
CA GLU A 360 -9.47 -17.72 -7.67
C GLU A 360 -9.29 -17.96 -6.19
N ILE A 361 -10.34 -17.62 -5.44
CA ILE A 361 -10.52 -18.01 -4.07
C ILE A 361 -11.58 -19.12 -3.97
N LYS A 362 -11.15 -20.30 -3.51
CA LYS A 362 -11.98 -21.50 -3.41
C LYS A 362 -12.78 -21.53 -2.10
N VAL A 363 -13.66 -22.51 -1.97
CA VAL A 363 -14.55 -22.55 -0.81
C VAL A 363 -13.77 -22.74 0.49
N ASP A 364 -12.67 -23.49 0.43
CA ASP A 364 -11.98 -23.97 1.64
C ASP A 364 -10.67 -23.23 1.96
N THR A 365 -10.34 -22.19 1.22
CA THR A 365 -9.04 -21.50 1.38
C THR A 365 -8.91 -20.83 2.75
N PHE A 366 -9.99 -20.18 3.17
CA PHE A 366 -10.09 -19.46 4.43
C PHE A 366 -11.11 -19.99 5.43
N GLN A 367 -11.44 -21.26 5.37
CA GLN A 367 -12.50 -21.83 6.21
C GLN A 367 -12.07 -21.97 7.65
N GLN A 368 -12.92 -21.50 8.56
CA GLN A 368 -12.80 -21.69 10.02
C GLN A 368 -11.60 -21.00 10.65
N LEU A 369 -11.20 -19.86 10.09
CA LEU A 369 -10.19 -18.96 10.66
C LEU A 369 -10.94 -17.94 11.51
N LEU A 370 -11.25 -18.37 12.72
CA LEU A 370 -12.14 -17.66 13.62
C LEU A 370 -11.52 -16.41 14.22
N SER A 371 -10.19 -16.32 14.15
CA SER A 371 -9.43 -15.16 14.64
C SER A 371 -8.94 -14.21 13.55
N LEU A 372 -9.22 -14.53 12.29
CA LEU A 372 -8.77 -13.68 11.18
C LEU A 372 -9.48 -12.32 11.23
N ARG A 373 -8.68 -11.27 11.29
CA ARG A 373 -9.18 -9.90 11.33
C ARG A 373 -9.02 -9.13 10.01
N SER A 374 -7.96 -9.43 9.26
CA SER A 374 -7.62 -8.63 8.13
C SER A 374 -7.03 -9.53 7.08
N LEU A 375 -7.54 -9.40 5.85
CA LEU A 375 -7.16 -10.23 4.71
C LEU A 375 -6.99 -9.30 3.55
N ASN A 376 -5.81 -9.37 2.93
CA ASN A 376 -5.50 -8.43 1.89
C ASN A 376 -5.15 -9.25 0.68
N LEU A 377 -5.92 -9.06 -0.39
CA LEU A 377 -5.69 -9.76 -1.68
C LEU A 377 -5.60 -8.77 -2.80
N ALA A 378 -5.09 -7.57 -2.50
CA ALA A 378 -5.02 -6.54 -3.47
C ALA A 378 -4.04 -6.95 -4.54
N TRP A 379 -4.28 -6.48 -5.75
CA TRP A 379 -3.39 -6.62 -6.88
C TRP A 379 -3.03 -8.04 -7.13
N ASN A 380 -4.06 -8.85 -7.21
CA ASN A 380 -3.92 -10.19 -7.76
C ASN A 380 -4.63 -10.24 -9.13
N LYS A 381 -4.97 -11.43 -9.61
CA LYS A 381 -5.79 -11.56 -10.83
C LYS A 381 -7.04 -12.35 -10.51
N ILE A 382 -7.74 -12.00 -9.43
CA ILE A 382 -8.87 -12.82 -8.99
C ILE A 382 -10.12 -12.53 -9.83
N ALA A 383 -10.63 -13.53 -10.55
CA ALA A 383 -11.90 -13.39 -11.31
C ALA A 383 -13.10 -14.07 -10.65
N ILE A 384 -12.86 -15.09 -9.83
CA ILE A 384 -13.95 -15.72 -9.08
C ILE A 384 -13.60 -15.95 -7.64
N ILE A 385 -14.55 -15.62 -6.77
CA ILE A 385 -14.54 -16.00 -5.34
C ILE A 385 -15.75 -16.88 -5.12
N HIS A 386 -15.54 -18.09 -4.59
CA HIS A 386 -16.64 -18.95 -4.24
C HIS A 386 -17.54 -18.17 -3.27
N PRO A 387 -18.88 -18.21 -3.44
CA PRO A 387 -19.85 -17.43 -2.60
C PRO A 387 -19.77 -17.62 -1.05
N ASN A 388 -19.35 -18.81 -0.63
CA ASN A 388 -19.15 -19.17 0.78
C ASN A 388 -17.65 -19.19 1.24
N ALA A 389 -16.77 -18.51 0.50
CA ALA A 389 -15.32 -18.57 0.76
C ALA A 389 -14.97 -17.94 2.13
N PHE A 390 -15.73 -16.90 2.49
CA PHE A 390 -15.66 -16.14 3.72
C PHE A 390 -16.81 -16.45 4.70
N SER A 391 -17.43 -17.61 4.58
CA SER A 391 -18.57 -17.92 5.42
C SER A 391 -18.22 -18.00 6.91
N THR A 392 -17.02 -18.47 7.24
CA THR A 392 -16.70 -18.73 8.65
C THR A 392 -15.49 -17.92 9.08
N LEU A 393 -15.65 -16.61 9.00
CA LEU A 393 -14.68 -15.64 9.44
C LEU A 393 -15.38 -14.58 10.28
N PRO A 394 -15.95 -14.96 11.44
CA PRO A 394 -16.64 -14.01 12.30
C PRO A 394 -15.80 -12.80 12.75
N SER A 395 -14.47 -12.92 12.78
CA SER A 395 -13.63 -11.80 13.21
C SER A 395 -13.25 -10.86 12.08
N LEU A 396 -13.56 -11.23 10.83
CA LEU A 396 -13.05 -10.47 9.70
C LEU A 396 -13.59 -9.03 9.69
N ILE A 397 -12.66 -8.10 9.64
CA ILE A 397 -12.91 -6.70 9.91
C ILE A 397 -12.38 -5.86 8.75
N LYS A 398 -11.34 -6.34 8.07
CA LYS A 398 -10.75 -5.63 6.94
C LYS A 398 -10.58 -6.61 5.80
N LEU A 399 -11.00 -6.18 4.59
CA LEU A 399 -10.89 -6.98 3.38
C LEU A 399 -10.46 -6.12 2.22
N ASP A 400 -9.34 -6.42 1.60
CA ASP A 400 -8.88 -5.64 0.48
C ASP A 400 -8.79 -6.55 -0.71
N LEU A 401 -9.65 -6.27 -1.72
CA LEU A 401 -9.63 -6.95 -3.00
C LEU A 401 -9.42 -5.98 -4.19
N SER A 402 -8.70 -4.89 -3.93
CA SER A 402 -8.41 -3.88 -4.92
C SER A 402 -7.70 -4.51 -6.10
N SER A 403 -7.92 -3.95 -7.28
CA SER A 403 -7.13 -4.29 -8.44
C SER A 403 -7.07 -5.78 -8.71
N ASN A 404 -8.24 -6.42 -8.69
CA ASN A 404 -8.41 -7.77 -9.19
C ASN A 404 -9.27 -7.77 -10.48
N LEU A 405 -9.83 -8.91 -10.85
CA LEU A 405 -10.56 -8.99 -12.10
C LEU A 405 -11.97 -9.44 -11.79
N LEU A 406 -12.63 -8.87 -10.80
CA LEU A 406 -13.87 -9.48 -10.32
C LEU A 406 -14.99 -8.92 -11.15
N SER A 407 -16.07 -9.70 -11.24
CA SER A 407 -17.31 -9.30 -11.88
C SER A 407 -18.51 -9.48 -10.94
N SER A 408 -18.27 -10.00 -9.74
CA SER A 408 -19.30 -10.03 -8.70
C SER A 408 -18.63 -10.10 -7.32
N PHE A 409 -19.42 -9.88 -6.28
CA PHE A 409 -18.88 -9.81 -4.92
C PHE A 409 -19.72 -10.52 -3.84
N PRO A 410 -19.16 -11.53 -3.16
CA PRO A 410 -19.89 -12.26 -2.13
C PRO A 410 -20.29 -11.45 -0.89
N ILE A 411 -21.40 -11.91 -0.32
CA ILE A 411 -22.05 -11.32 0.84
C ILE A 411 -21.81 -12.19 2.09
N THR A 412 -22.12 -13.50 1.98
CA THR A 412 -22.15 -14.38 3.16
C THR A 412 -20.81 -14.33 3.94
N GLY A 413 -20.96 -13.90 5.19
CA GLY A 413 -19.91 -13.97 6.20
C GLY A 413 -19.15 -12.68 6.42
N LEU A 414 -19.61 -11.60 5.77
CA LEU A 414 -18.92 -10.32 5.75
C LEU A 414 -19.74 -9.20 6.37
N HIS A 415 -20.81 -9.54 7.08
CA HIS A 415 -21.62 -8.53 7.80
C HIS A 415 -20.86 -7.70 8.86
N GLY A 416 -19.73 -8.21 9.37
CA GLY A 416 -18.92 -7.49 10.35
C GLY A 416 -17.80 -6.58 9.84
N LEU A 417 -17.72 -6.41 8.52
CA LEU A 417 -16.64 -5.59 7.93
C LEU A 417 -16.72 -4.13 8.34
N THR A 418 -15.56 -3.54 8.59
CA THR A 418 -15.45 -2.11 8.82
C THR A 418 -14.66 -1.43 7.70
N HIS A 419 -13.86 -2.22 6.96
CA HIS A 419 -12.99 -1.75 5.88
C HIS A 419 -13.15 -2.70 4.72
N LEU A 420 -13.52 -2.14 3.55
CA LEU A 420 -13.67 -2.90 2.29
C LEU A 420 -13.08 -2.10 1.11
N LYS A 421 -12.26 -2.76 0.30
CA LYS A 421 -11.56 -2.10 -0.77
C LYS A 421 -11.66 -2.90 -2.06
N LEU A 422 -12.31 -2.27 -3.05
CA LEU A 422 -12.65 -2.91 -4.32
C LEU A 422 -12.28 -2.13 -5.60
N THR A 423 -11.77 -0.93 -5.46
CA THR A 423 -11.38 -0.18 -6.63
C THR A 423 -10.45 -1.03 -7.53
N GLY A 424 -10.57 -0.78 -8.84
CA GLY A 424 -9.71 -1.42 -9.85
C GLY A 424 -10.24 -2.79 -10.22
N ASN A 425 -11.49 -3.07 -9.85
CA ASN A 425 -12.28 -4.18 -10.41
C ASN A 425 -13.34 -3.59 -11.36
N HIS A 426 -12.96 -3.41 -12.62
CA HIS A 426 -13.77 -2.62 -13.60
C HIS A 426 -15.06 -3.30 -13.89
N ALA A 427 -15.00 -4.63 -14.05
CA ALA A 427 -16.20 -5.47 -14.29
C ALA A 427 -17.18 -5.59 -13.12
N LEU A 428 -16.83 -5.07 -11.95
CA LEU A 428 -17.66 -5.22 -10.76
C LEU A 428 -18.61 -4.05 -10.76
N GLN A 429 -19.70 -4.22 -11.50
CA GLN A 429 -20.63 -3.13 -11.71
C GLN A 429 -21.92 -3.32 -10.93
N SER A 430 -22.15 -4.55 -10.47
CA SER A 430 -23.22 -4.88 -9.51
C SER A 430 -23.22 -3.94 -8.29
N LEU A 431 -24.39 -3.64 -7.75
CA LEU A 431 -24.49 -2.80 -6.57
C LEU A 431 -24.07 -3.57 -5.34
N ILE A 432 -24.01 -2.88 -4.19
CA ILE A 432 -24.07 -3.61 -2.94
C ILE A 432 -24.72 -2.77 -1.85
N SER A 433 -25.53 -3.43 -1.03
CA SER A 433 -26.51 -2.73 -0.21
C SER A 433 -26.07 -2.62 1.23
N SER A 434 -26.45 -1.47 1.80
CA SER A 434 -25.96 -0.97 3.08
C SER A 434 -26.10 -1.90 4.29
N GLU A 435 -26.99 -2.89 4.24
CA GLU A 435 -27.10 -3.77 5.41
C GLU A 435 -26.95 -5.26 5.11
N ASN A 436 -26.35 -5.60 3.99
CA ASN A 436 -25.49 -6.77 4.00
C ASN A 436 -24.19 -6.43 4.74
N PHE A 437 -23.90 -5.11 4.80
CA PHE A 437 -22.67 -4.56 5.36
C PHE A 437 -22.98 -3.37 6.29
N PRO A 438 -23.68 -3.63 7.40
CA PRO A 438 -24.08 -2.52 8.29
C PRO A 438 -22.91 -1.80 8.97
N GLU A 439 -21.80 -2.50 9.21
CA GLU A 439 -20.74 -1.92 10.03
C GLU A 439 -19.62 -1.20 9.24
N LEU A 440 -19.75 -1.13 7.91
CA LEU A 440 -18.72 -0.49 7.08
C LEU A 440 -18.49 0.99 7.37
N LYS A 441 -17.21 1.37 7.51
CA LYS A 441 -16.81 2.74 7.83
C LYS A 441 -15.79 3.32 6.84
N VAL A 442 -15.04 2.46 6.17
CA VAL A 442 -14.23 2.85 5.01
C VAL A 442 -14.56 1.87 3.85
N ILE A 443 -15.06 2.42 2.74
CA ILE A 443 -15.29 1.63 1.52
C ILE A 443 -14.55 2.28 0.37
N GLU A 444 -13.90 1.45 -0.45
CA GLU A 444 -13.38 1.89 -1.74
C GLU A 444 -14.06 1.06 -2.81
N MET A 445 -14.96 1.70 -3.55
CA MET A 445 -15.77 1.01 -4.54
C MET A 445 -15.14 1.08 -5.92
N PRO A 446 -15.56 0.18 -6.82
CA PRO A 446 -15.12 0.28 -8.21
C PRO A 446 -15.59 1.59 -8.91
N TYR A 447 -16.83 2.01 -8.65
CA TYR A 447 -17.42 3.23 -9.19
C TYR A 447 -18.14 3.98 -8.09
N ALA A 448 -18.20 5.30 -8.26
CA ALA A 448 -18.93 6.19 -7.36
C ALA A 448 -20.44 5.90 -7.23
N TYR A 449 -21.08 5.44 -8.31
CA TYR A 449 -22.51 5.12 -8.23
C TYR A 449 -22.79 3.95 -7.25
N GLN A 450 -21.78 3.10 -7.05
CA GLN A 450 -21.82 2.04 -6.04
C GLN A 450 -21.76 2.62 -4.64
N CYS A 451 -21.03 3.72 -4.48
CA CYS A 451 -21.05 4.46 -3.22
C CYS A 451 -22.42 5.03 -2.99
N CYS A 452 -22.97 5.70 -3.99
CA CYS A 452 -24.23 6.44 -3.79
C CYS A 452 -25.38 5.48 -3.47
N ALA A 453 -25.46 4.38 -4.23
CA ALA A 453 -26.44 3.31 -4.01
C ALA A 453 -26.32 2.69 -2.60
N PHE A 454 -25.10 2.61 -2.10
CA PHE A 454 -24.84 2.22 -0.71
C PHE A 454 -25.51 3.20 0.25
N GLY A 455 -25.44 4.49 -0.08
CA GLY A 455 -26.05 5.55 0.72
C GLY A 455 -25.10 6.67 1.05
N VAL A 456 -24.13 6.92 0.16
CA VAL A 456 -23.02 7.83 0.41
C VAL A 456 -22.63 8.54 -0.89
N CYS A 457 -23.07 9.79 -1.05
CA CYS A 457 -22.76 10.57 -2.25
C CYS A 457 -23.03 12.06 -2.04
N VAL A 467 -19.06 7.78 7.66
CA VAL A 467 -18.78 6.74 6.67
C VAL A 467 -18.15 7.33 5.42
N GLN A 468 -16.98 6.79 5.03
CA GLN A 468 -16.23 7.24 3.86
C GLN A 468 -16.33 6.24 2.72
N CYS A 469 -16.71 6.76 1.54
CA CYS A 469 -16.73 5.96 0.32
C CYS A 469 -15.98 6.68 -0.78
N SER A 470 -15.20 5.91 -1.53
CA SER A 470 -14.47 6.35 -2.69
C SER A 470 -14.85 5.47 -3.83
N PRO A 471 -15.07 6.03 -5.02
CA PRO A 471 -15.07 7.48 -5.26
C PRO A 471 -16.44 8.13 -5.01
N CYS B 5 17.93 24.11 29.24
CA CYS B 5 18.17 22.69 29.66
C CYS B 5 19.63 22.23 29.50
N LYS B 6 20.01 21.29 30.36
CA LYS B 6 21.41 20.88 30.56
C LYS B 6 21.88 19.89 29.49
N GLY B 7 23.14 19.97 29.07
CA GLY B 7 23.78 18.97 28.21
C GLY B 7 23.19 18.80 26.82
N CYS B 8 22.58 19.89 26.32
CA CYS B 8 21.62 19.86 25.23
C CYS B 8 22.02 20.78 24.05
N LEU B 9 21.90 20.27 22.82
CA LEU B 9 22.10 21.08 21.60
C LEU B 9 20.85 21.85 21.19
N SER B 10 19.67 21.36 21.56
CA SER B 10 18.40 21.99 21.14
C SER B 10 17.41 22.06 22.30
N CYS B 11 17.41 23.20 23.00
CA CYS B 11 16.46 23.46 24.08
C CYS B 11 15.24 24.17 23.52
N SER B 12 14.16 23.42 23.42
CA SER B 12 12.83 23.99 23.20
C SER B 12 12.30 24.62 24.49
N LYS B 13 11.29 25.48 24.34
CA LYS B 13 10.43 25.81 25.47
C LYS B 13 9.15 25.03 25.25
N ASP B 14 8.27 25.07 26.25
CA ASP B 14 7.08 24.20 26.33
C ASP B 14 7.47 22.70 26.33
N ASN B 15 8.73 22.42 26.65
CA ASN B 15 9.35 21.13 26.39
C ASN B 15 10.75 21.08 27.01
N GLY B 16 11.30 19.88 27.15
CA GLY B 16 12.69 19.74 27.58
C GLY B 16 13.62 19.73 26.39
N CYS B 17 14.73 19.02 26.54
CA CYS B 17 15.72 18.89 25.48
C CYS B 17 15.15 18.09 24.29
N SER B 18 15.53 18.47 23.09
CA SER B 18 15.09 17.78 21.87
C SER B 18 16.19 16.96 21.19
N ARG B 19 17.44 17.34 21.39
CA ARG B 19 18.61 16.64 20.84
C ARG B 19 19.75 16.90 21.79
N CYS B 20 20.47 15.87 22.20
CA CYS B 20 21.53 16.02 23.20
C CYS B 20 22.94 16.14 22.58
N GLN B 21 23.91 16.52 23.40
CA GLN B 21 25.31 16.47 22.97
C GLN B 21 25.73 15.03 22.71
N GLN B 22 26.75 14.89 21.88
CA GLN B 22 27.05 13.64 21.17
C GLN B 22 27.03 12.40 22.09
N LYS B 23 27.67 12.49 23.26
CA LYS B 23 27.92 11.28 24.08
C LYS B 23 27.00 11.13 25.32
N LEU B 24 25.92 11.93 25.37
CA LEU B 24 24.94 11.91 26.45
C LEU B 24 23.71 11.09 26.03
N PHE B 25 22.96 10.59 27.01
CA PHE B 25 21.76 9.82 26.76
C PHE B 25 20.53 10.66 26.89
N PHE B 26 19.65 10.63 25.90
CA PHE B 26 18.34 11.23 25.99
C PHE B 26 17.43 10.40 26.88
N PHE B 27 16.64 11.10 27.67
CA PHE B 27 15.74 10.45 28.61
C PHE B 27 14.51 11.31 28.68
N LEU B 28 13.36 10.66 28.65
CA LEU B 28 12.09 11.36 28.65
C LEU B 28 11.48 11.30 30.05
N ARG B 29 11.58 12.43 30.74
CA ARG B 29 11.01 12.67 32.05
C ARG B 29 9.52 12.91 31.88
N ARG B 30 8.72 12.37 32.79
CA ARG B 30 7.28 12.65 32.83
C ARG B 30 6.92 13.38 34.13
N GLU B 31 6.72 14.69 34.02
CA GLU B 31 6.27 15.51 35.16
C GLU B 31 4.80 15.28 35.51
N GLY B 32 4.03 14.74 34.57
CA GLY B 32 2.60 14.51 34.79
C GLY B 32 1.80 14.79 33.53
N MET B 33 1.60 16.07 33.23
CA MET B 33 0.92 16.51 32.00
C MET B 33 1.95 16.68 30.89
N ARG B 34 2.87 17.62 31.08
CA ARG B 34 3.94 17.83 30.11
C ARG B 34 5.05 16.82 30.38
N GLN B 35 5.76 16.42 29.32
CA GLN B 35 6.93 15.56 29.42
C GLN B 35 8.17 16.35 28.96
N TYR B 36 9.33 16.06 29.53
CA TYR B 36 10.54 16.82 29.21
C TYR B 36 11.72 15.88 28.87
N GLY B 37 12.52 16.25 27.88
CA GLY B 37 13.76 15.56 27.60
C GLY B 37 14.91 16.02 28.48
N GLU B 38 15.81 15.10 28.81
CA GLU B 38 17.01 15.38 29.60
C GLU B 38 18.17 14.62 29.02
N CYS B 39 19.37 15.07 29.34
CA CYS B 39 20.55 14.51 28.72
C CYS B 39 21.51 14.00 29.79
N LEU B 40 21.52 12.70 30.05
CA LEU B 40 22.16 12.14 31.26
C LEU B 40 23.46 11.42 30.92
N HIS B 41 24.42 11.37 31.84
CA HIS B 41 25.68 10.65 31.56
C HIS B 41 25.50 9.12 31.70
N SER B 42 24.53 8.72 32.51
CA SER B 42 24.08 7.32 32.57
C SER B 42 22.61 7.31 32.89
N CYS B 43 21.96 6.20 32.58
CA CYS B 43 20.52 6.20 32.63
C CYS B 43 20.00 5.94 34.04
N PRO B 44 18.85 6.57 34.40
CA PRO B 44 18.35 6.43 35.75
C PRO B 44 17.99 4.97 36.05
N SER B 45 17.84 4.65 37.33
CA SER B 45 17.56 3.29 37.80
C SER B 45 16.28 2.75 37.16
N GLY B 46 16.37 1.54 36.61
CA GLY B 46 15.25 0.93 35.89
C GLY B 46 15.37 1.06 34.38
N TYR B 47 16.46 1.70 33.93
CA TYR B 47 16.70 1.96 32.51
C TYR B 47 18.12 1.56 32.19
N TYR B 48 18.36 1.29 30.91
CA TYR B 48 19.69 1.13 30.34
C TYR B 48 19.88 2.14 29.23
N GLY B 49 21.12 2.55 29.04
CA GLY B 49 21.54 3.50 28.01
C GLY B 49 21.87 2.75 26.76
N HIS B 50 21.38 3.25 25.64
CA HIS B 50 21.53 2.59 24.35
C HIS B 50 22.21 3.63 23.48
N ARG B 51 23.31 3.24 22.86
CA ARG B 51 24.06 4.16 22.03
C ARG B 51 23.89 3.81 20.56
N ALA B 52 23.62 4.85 19.78
CA ALA B 52 23.67 4.73 18.33
C ALA B 52 24.40 5.96 17.77
N PRO B 53 24.87 5.87 16.53
CA PRO B 53 25.60 6.96 15.90
C PRO B 53 25.08 8.39 16.08
N ASP B 54 23.78 8.62 16.26
CA ASP B 54 23.29 9.98 16.47
C ASP B 54 22.15 10.09 17.48
N MET B 55 22.06 9.14 18.39
CA MET B 55 21.03 9.19 19.38
C MET B 55 21.39 8.13 20.34
N ASN B 56 21.63 8.57 21.57
CA ASN B 56 21.75 7.70 22.67
C ASN B 56 20.49 7.93 23.48
N ARG B 57 19.90 6.85 23.98
CA ARG B 57 18.62 6.97 24.68
C ARG B 57 18.50 5.97 25.82
N CYS B 58 17.80 6.41 26.85
CA CYS B 58 17.45 5.60 27.99
C CYS B 58 16.19 4.81 27.62
N ALA B 59 16.37 3.49 27.53
CA ALA B 59 15.27 2.55 27.39
C ALA B 59 14.98 1.85 28.71
N ARG B 60 13.73 1.53 29.00
CA ARG B 60 13.39 0.96 30.30
C ARG B 60 13.73 -0.53 30.31
N CYS B 61 14.11 -1.05 31.46
CA CYS B 61 14.34 -2.49 31.57
C CYS B 61 12.96 -3.12 31.58
N ARG B 62 12.71 -4.05 30.67
CA ARG B 62 11.50 -4.91 30.79
C ARG B 62 11.93 -6.37 30.97
N ILE B 63 12.76 -6.61 31.98
CA ILE B 63 13.03 -7.96 32.50
C ILE B 63 12.23 -8.14 33.77
N GLU B 64 11.52 -9.27 33.89
CA GLU B 64 10.65 -9.44 35.05
C GLU B 64 11.46 -9.64 36.34
N ASN B 65 10.99 -8.98 37.39
CA ASN B 65 11.61 -9.05 38.71
C ASN B 65 13.01 -8.45 38.74
N CYS B 66 13.26 -7.48 37.87
CA CYS B 66 14.56 -6.84 37.77
C CYS B 66 14.42 -5.36 38.14
N ASP B 67 15.46 -4.80 38.75
CA ASP B 67 15.48 -3.37 39.09
C ASP B 67 16.49 -2.55 38.29
N SER B 68 17.55 -3.19 37.80
CA SER B 68 18.51 -2.52 36.93
C SER B 68 19.07 -3.50 35.94
N CYS B 69 19.56 -2.95 34.84
CA CYS B 69 20.00 -3.81 33.76
C CYS B 69 21.06 -3.13 32.95
N PHE B 70 21.82 -3.98 32.27
CA PHE B 70 22.92 -3.64 31.40
C PHE B 70 22.34 -3.46 30.01
N SER B 71 21.41 -4.33 29.68
CA SER B 71 20.89 -4.53 28.37
C SER B 71 19.43 -4.93 28.55
N LYS B 72 18.72 -4.96 27.44
CA LYS B 72 17.31 -5.33 27.31
C LYS B 72 16.95 -6.63 28.02
N ASP B 73 17.84 -7.61 27.92
CA ASP B 73 17.63 -8.96 28.51
C ASP B 73 18.72 -9.36 29.54
N PHE B 74 19.53 -8.39 30.00
CA PHE B 74 20.55 -8.70 31.04
C PHE B 74 20.36 -7.83 32.26
N CYS B 75 19.90 -8.49 33.33
CA CYS B 75 19.68 -7.83 34.59
C CYS B 75 20.95 -7.73 35.39
N THR B 76 21.04 -6.66 36.14
CA THR B 76 22.23 -6.31 36.91
C THR B 76 21.92 -6.25 38.44
N LYS B 77 20.64 -6.07 38.80
CA LYS B 77 20.17 -6.20 40.16
C LYS B 77 18.67 -6.43 40.16
N CYS B 78 18.25 -7.54 40.74
CA CYS B 78 16.84 -7.89 40.84
C CYS B 78 16.09 -7.11 41.93
N LYS B 79 14.79 -7.22 41.89
CA LYS B 79 13.96 -6.75 42.99
C LYS B 79 14.30 -7.49 44.28
N VAL B 80 13.82 -6.90 45.37
CA VAL B 80 13.79 -7.50 46.70
C VAL B 80 13.21 -8.90 46.66
N GLY B 81 13.94 -9.88 47.22
CA GLY B 81 13.44 -11.25 47.39
C GLY B 81 13.63 -12.18 46.21
N PHE B 82 14.31 -11.69 45.15
CA PHE B 82 14.57 -12.49 43.95
C PHE B 82 16.05 -12.71 43.83
N TYR B 83 16.44 -13.83 43.21
CA TYR B 83 17.85 -14.20 43.04
C TYR B 83 18.36 -13.97 41.61
N LEU B 84 19.52 -13.33 41.50
CA LEU B 84 20.15 -13.07 40.21
C LEU B 84 20.95 -14.27 39.71
N HIS B 85 20.69 -14.71 38.49
CA HIS B 85 21.49 -15.79 37.89
C HIS B 85 21.58 -15.60 36.37
N ARG B 86 22.82 -15.46 35.86
CA ARG B 86 23.05 -15.14 34.43
C ARG B 86 22.18 -13.98 33.92
N GLY B 87 21.96 -12.96 34.76
CA GLY B 87 21.18 -11.80 34.38
C GLY B 87 19.67 -12.01 34.34
N ARG B 88 19.21 -13.14 34.85
CA ARG B 88 17.76 -13.42 35.02
C ARG B 88 17.42 -13.45 36.50
N CYS B 89 16.18 -13.09 36.82
CA CYS B 89 15.74 -13.05 38.20
C CYS B 89 14.78 -14.17 38.55
N PHE B 90 15.18 -14.97 39.52
CA PHE B 90 14.43 -16.14 39.91
C PHE B 90 13.89 -16.04 41.34
N ASP B 91 12.90 -16.89 41.63
CA ASP B 91 12.40 -17.08 42.99
C ASP B 91 13.16 -18.26 43.60
N GLU B 92 13.03 -19.42 42.97
CA GLU B 92 13.86 -20.58 43.28
C GLU B 92 15.10 -20.51 42.41
N CYS B 93 16.26 -20.65 43.04
CA CYS B 93 17.52 -20.71 42.34
C CYS B 93 17.67 -22.13 41.75
N PRO B 94 17.53 -22.31 40.39
CA PRO B 94 17.35 -23.64 39.75
C PRO B 94 18.48 -24.66 40.00
N ASP B 95 18.12 -25.95 40.07
CA ASP B 95 19.06 -27.05 40.43
C ASP B 95 20.37 -27.03 39.64
N GLY B 96 21.44 -27.55 40.26
CA GLY B 96 22.80 -27.40 39.74
C GLY B 96 23.58 -26.41 40.59
N PHE B 97 22.88 -25.41 41.11
CA PHE B 97 23.46 -24.41 42.02
C PHE B 97 22.35 -23.84 42.90
N ALA B 98 22.61 -23.77 44.20
CA ALA B 98 21.60 -23.32 45.17
C ALA B 98 21.69 -21.81 45.37
N PRO B 99 20.70 -21.22 46.09
CA PRO B 99 20.79 -19.81 46.47
C PRO B 99 22.04 -19.45 47.31
N LEU B 100 22.17 -18.18 47.66
CA LEU B 100 23.31 -17.69 48.46
C LEU B 100 22.95 -16.30 49.00
N ASP B 101 22.52 -16.25 50.26
CA ASP B 101 21.73 -15.12 50.78
C ASP B 101 22.44 -13.76 50.90
N GLU B 102 23.68 -13.74 51.40
CA GLU B 102 24.39 -12.47 51.67
C GLU B 102 24.26 -11.44 50.51
N THR B 103 24.22 -11.91 49.26
CA THR B 103 24.06 -11.03 48.09
C THR B 103 22.70 -11.04 47.38
N MET B 104 21.91 -12.10 47.62
CA MET B 104 20.72 -12.44 46.82
C MET B 104 21.12 -12.86 45.39
N GLU B 105 22.16 -13.68 45.28
CA GLU B 105 22.62 -14.19 44.00
C GLU B 105 22.71 -15.72 44.02
N CYS B 106 23.35 -16.32 43.01
CA CYS B 106 23.45 -17.78 42.87
C CYS B 106 24.87 -18.25 42.51
N GLY C 5 -60.64 11.29 -20.34
CA GLY C 5 -60.17 12.03 -21.57
C GLY C 5 -59.10 11.27 -22.34
N CYS C 6 -59.22 9.95 -22.31
CA CYS C 6 -58.08 9.05 -22.34
C CYS C 6 -58.61 7.59 -22.33
N PRO C 7 -57.91 6.64 -22.97
CA PRO C 7 -58.39 5.29 -22.88
C PRO C 7 -58.44 4.80 -21.41
N THR C 8 -59.38 3.91 -21.11
CA THR C 8 -59.68 3.55 -19.73
C THR C 8 -58.47 2.83 -19.11
N HIS C 9 -58.15 3.22 -17.86
CA HIS C 9 -56.94 2.77 -17.12
C HIS C 9 -55.62 3.35 -17.61
N CYS C 10 -55.60 3.96 -18.80
CA CYS C 10 -54.40 4.62 -19.25
C CYS C 10 -54.26 5.98 -18.58
N HIS C 11 -53.04 6.54 -18.64
CA HIS C 11 -52.81 7.87 -18.14
C HIS C 11 -52.28 8.81 -19.23
N CYS C 12 -52.88 9.98 -19.33
CA CYS C 12 -52.69 10.94 -20.43
C CYS C 12 -52.29 12.31 -19.93
N GLU C 13 -51.38 12.96 -20.64
CA GLU C 13 -51.02 14.33 -20.30
C GLU C 13 -50.73 15.16 -21.55
N PRO C 14 -50.88 16.48 -21.45
CA PRO C 14 -50.70 17.30 -22.63
C PRO C 14 -49.27 17.31 -23.04
N ASP C 15 -49.04 17.25 -24.35
CA ASP C 15 -47.74 17.52 -24.91
C ASP C 15 -47.92 18.73 -25.80
N GLY C 16 -47.61 19.90 -25.25
CA GLY C 16 -48.03 21.12 -25.84
C GLY C 16 -49.53 21.36 -25.69
N ARG C 17 -50.02 22.37 -26.40
CA ARG C 17 -51.38 22.88 -26.29
C ARG C 17 -52.41 22.14 -27.15
N MET C 18 -51.95 21.17 -27.96
CA MET C 18 -52.87 20.34 -28.77
C MET C 18 -52.72 18.87 -28.52
N LEU C 19 -51.48 18.43 -28.52
CA LEU C 19 -51.19 17.04 -28.66
C LEU C 19 -51.21 16.34 -27.29
N LEU C 20 -51.06 15.02 -27.31
CA LEU C 20 -51.32 14.20 -26.14
C LEU C 20 -50.31 13.11 -25.94
N ARG C 21 -49.88 12.95 -24.71
CA ARG C 21 -49.02 11.83 -24.30
C ARG C 21 -49.88 10.79 -23.66
N VAL C 22 -49.81 9.59 -24.19
CA VAL C 22 -50.65 8.49 -23.68
C VAL C 22 -49.80 7.41 -23.04
N ASP C 23 -50.05 7.13 -21.78
CA ASP C 23 -49.30 6.08 -21.07
C ASP C 23 -50.19 4.89 -20.79
N CYS C 24 -49.95 3.79 -21.52
CA CYS C 24 -50.73 2.57 -21.30
C CYS C 24 -49.83 1.40 -20.82
N SER C 25 -48.70 1.73 -20.21
CA SER C 25 -47.74 0.74 -19.76
C SER C 25 -48.21 0.04 -18.49
N ASP C 26 -47.81 -1.22 -18.35
CA ASP C 26 -48.00 -1.97 -17.15
C ASP C 26 -49.48 -2.08 -16.78
N LEU C 27 -50.29 -2.52 -17.72
CA LEU C 27 -51.70 -2.77 -17.41
C LEU C 27 -52.09 -4.22 -17.73
N GLY C 28 -51.09 -5.07 -17.96
CA GLY C 28 -51.31 -6.46 -18.37
C GLY C 28 -52.24 -6.58 -19.56
N LEU C 29 -52.15 -5.67 -20.52
CA LEU C 29 -53.03 -5.68 -21.68
C LEU C 29 -52.59 -6.76 -22.65
N SER C 30 -53.55 -7.48 -23.21
CA SER C 30 -53.27 -8.50 -24.24
C SER C 30 -53.39 -7.94 -25.64
N GLU C 31 -54.13 -6.84 -25.74
CA GLU C 31 -54.42 -6.18 -27.01
C GLU C 31 -54.36 -4.64 -26.81
N LEU C 32 -54.12 -3.92 -27.89
CA LEU C 32 -54.17 -2.47 -27.84
C LEU C 32 -55.54 -1.92 -27.41
N PRO C 33 -55.58 -0.72 -26.83
CA PRO C 33 -56.86 -0.10 -26.47
C PRO C 33 -57.52 0.50 -27.70
N SER C 34 -58.78 0.90 -27.57
CA SER C 34 -59.64 1.06 -28.73
C SER C 34 -59.79 2.49 -29.23
N ASN C 35 -59.98 3.41 -28.27
CA ASN C 35 -60.37 4.79 -28.56
C ASN C 35 -59.16 5.71 -28.48
N LEU C 36 -58.12 5.41 -29.24
CA LEU C 36 -56.93 6.26 -29.21
C LEU C 36 -57.14 7.55 -30.02
N SER C 37 -57.01 8.68 -29.33
CA SER C 37 -57.08 10.02 -29.89
C SER C 37 -56.07 10.22 -31.01
N VAL C 38 -56.55 10.80 -32.11
CA VAL C 38 -55.77 11.27 -33.26
C VAL C 38 -54.73 12.36 -32.86
N PHE C 39 -54.97 12.99 -31.70
CA PHE C 39 -54.05 13.90 -31.05
C PHE C 39 -52.81 13.27 -30.33
N THR C 40 -52.60 11.96 -30.45
CA THR C 40 -51.59 11.22 -29.70
C THR C 40 -50.23 11.39 -30.32
N SER C 41 -49.35 12.10 -29.61
CA SER C 41 -47.95 12.27 -30.08
C SER C 41 -47.03 11.26 -29.47
N TYR C 42 -47.43 10.68 -28.35
CA TYR C 42 -46.57 9.72 -27.66
C TYR C 42 -47.43 8.62 -27.10
N LEU C 43 -47.05 7.39 -27.39
CA LEU C 43 -47.79 6.26 -26.88
C LEU C 43 -46.87 5.22 -26.23
N ASP C 44 -47.10 4.98 -24.96
CA ASP C 44 -46.28 4.02 -24.23
C ASP C 44 -47.12 2.78 -23.97
N LEU C 45 -46.75 1.69 -24.64
CA LEU C 45 -47.39 0.39 -24.39
C LEU C 45 -46.46 -0.66 -23.74
N SER C 46 -45.42 -0.20 -23.06
CA SER C 46 -44.43 -1.05 -22.42
C SER C 46 -45.02 -1.94 -21.32
N MET C 47 -44.32 -3.01 -21.00
CA MET C 47 -44.65 -3.85 -19.86
C MET C 47 -46.10 -4.31 -19.94
N ASN C 48 -46.44 -5.02 -20.99
CA ASN C 48 -47.77 -5.52 -21.13
C ASN C 48 -47.65 -6.93 -21.70
N ASN C 49 -48.78 -7.52 -22.13
CA ASN C 49 -48.82 -8.88 -22.56
C ASN C 49 -49.18 -9.05 -24.04
N ILE C 50 -48.72 -8.11 -24.87
CA ILE C 50 -49.11 -8.04 -26.25
C ILE C 50 -48.24 -8.94 -27.10
N SER C 51 -48.82 -9.92 -27.77
CA SER C 51 -48.02 -10.90 -28.54
C SER C 51 -48.08 -10.65 -30.05
N GLN C 52 -49.18 -10.07 -30.52
CA GLN C 52 -49.13 -9.28 -31.75
C GLN C 52 -50.32 -8.30 -31.83
N LEU C 53 -50.25 -7.43 -32.80
CA LEU C 53 -50.96 -6.17 -32.73
C LEU C 53 -52.02 -6.03 -33.81
N LEU C 54 -52.20 -7.05 -34.64
CA LEU C 54 -53.05 -6.98 -35.84
C LEU C 54 -54.37 -6.22 -35.66
N PRO C 55 -55.16 -6.53 -34.62
CA PRO C 55 -56.32 -5.62 -34.41
C PRO C 55 -55.94 -4.23 -33.83
N ASN C 56 -55.40 -3.29 -34.65
CA ASN C 56 -54.92 -1.99 -34.14
C ASN C 56 -55.69 -0.72 -34.60
N PRO C 57 -55.76 0.30 -33.72
CA PRO C 57 -56.18 1.66 -34.06
C PRO C 57 -55.02 2.62 -34.42
N LEU C 58 -53.84 2.05 -34.67
CA LEU C 58 -52.66 2.84 -34.99
C LEU C 58 -52.75 3.67 -36.30
N PRO C 59 -53.37 3.12 -37.37
CA PRO C 59 -53.34 3.84 -38.66
C PRO C 59 -53.88 5.29 -38.65
N SER C 60 -54.75 5.63 -37.71
CA SER C 60 -55.24 6.99 -37.62
C SER C 60 -54.32 7.95 -36.82
N LEU C 61 -53.18 7.49 -36.30
CA LEU C 61 -52.35 8.30 -35.42
C LEU C 61 -51.24 9.02 -36.19
N ARG C 62 -51.67 10.03 -36.92
CA ARG C 62 -50.79 10.67 -37.89
C ARG C 62 -49.75 11.58 -37.30
N PHE C 63 -49.99 12.00 -36.06
CA PHE C 63 -49.06 12.78 -35.25
C PHE C 63 -48.20 11.98 -34.26
N LEU C 64 -48.34 10.65 -34.24
CA LEU C 64 -47.55 9.83 -33.31
C LEU C 64 -46.08 9.87 -33.62
N GLU C 65 -45.28 10.41 -32.71
CA GLU C 65 -43.80 10.46 -32.88
C GLU C 65 -43.04 9.39 -32.18
N GLU C 66 -43.58 8.88 -31.09
CA GLU C 66 -42.87 7.88 -30.27
C GLU C 66 -43.80 6.76 -29.91
N LEU C 67 -43.45 5.53 -30.28
CA LEU C 67 -44.20 4.36 -29.90
C LEU C 67 -43.32 3.40 -29.12
N ARG C 68 -43.74 3.07 -27.90
CA ARG C 68 -42.96 2.20 -27.03
C ARG C 68 -43.65 0.87 -26.76
N LEU C 69 -42.99 -0.20 -27.18
CA LEU C 69 -43.52 -1.55 -27.09
C LEU C 69 -42.53 -2.47 -26.36
N ALA C 70 -41.72 -1.88 -25.50
CA ALA C 70 -40.73 -2.60 -24.74
C ALA C 70 -41.40 -3.60 -23.82
N GLY C 71 -40.76 -4.73 -23.66
CA GLY C 71 -41.19 -5.68 -22.63
C GLY C 71 -42.61 -6.13 -22.83
N ASN C 72 -42.87 -6.64 -24.03
CA ASN C 72 -44.14 -7.31 -24.34
C ASN C 72 -43.78 -8.71 -24.80
N ALA C 73 -44.65 -9.34 -25.59
CA ALA C 73 -44.46 -10.75 -25.92
C ALA C 73 -44.28 -10.94 -27.42
N LEU C 74 -43.62 -10.00 -28.06
CA LEU C 74 -43.57 -10.01 -29.49
C LEU C 74 -42.54 -10.97 -30.03
N THR C 75 -43.01 -11.89 -30.87
CA THR C 75 -42.14 -12.78 -31.62
C THR C 75 -42.03 -12.44 -33.12
N TYR C 76 -43.01 -11.65 -33.56
CA TYR C 76 -43.36 -11.46 -34.96
C TYR C 76 -44.00 -10.08 -35.15
N ILE C 77 -43.51 -9.29 -36.11
CA ILE C 77 -44.19 -8.02 -36.46
C ILE C 77 -44.59 -8.06 -37.93
N PRO C 78 -45.92 -8.00 -38.21
CA PRO C 78 -46.43 -8.14 -39.56
C PRO C 78 -46.24 -6.89 -40.42
N LYS C 79 -46.05 -7.11 -41.72
CA LYS C 79 -45.76 -6.09 -42.71
C LYS C 79 -46.44 -4.73 -42.55
N GLY C 80 -47.72 -4.67 -42.25
CA GLY C 80 -48.35 -3.37 -42.18
C GLY C 80 -48.53 -2.79 -40.82
N ALA C 81 -47.73 -3.20 -39.86
CA ALA C 81 -47.98 -2.86 -38.47
C ALA C 81 -47.99 -1.36 -38.23
N PHE C 82 -47.14 -0.64 -38.98
CA PHE C 82 -46.91 0.76 -38.65
C PHE C 82 -47.35 1.63 -39.80
N THR C 83 -48.22 1.11 -40.68
CA THR C 83 -48.65 1.92 -41.81
C THR C 83 -49.52 3.08 -41.27
N GLY C 84 -49.35 4.24 -41.90
CA GLY C 84 -50.03 5.46 -41.47
C GLY C 84 -49.36 6.23 -40.36
N LEU C 85 -48.23 5.78 -39.85
CA LEU C 85 -47.60 6.55 -38.76
C LEU C 85 -46.57 7.45 -39.41
N TYR C 86 -47.05 8.45 -40.13
CA TYR C 86 -46.17 9.33 -40.92
C TYR C 86 -45.15 10.08 -40.07
N SER C 87 -45.50 10.33 -38.80
CA SER C 87 -44.67 11.15 -37.94
C SER C 87 -43.71 10.37 -37.03
N LEU C 88 -43.65 9.05 -37.16
CA LEU C 88 -42.97 8.21 -36.13
C LEU C 88 -41.45 8.37 -36.14
N LYS C 89 -40.88 8.97 -35.11
CA LYS C 89 -39.42 9.25 -34.99
C LYS C 89 -38.72 8.19 -34.13
N VAL C 90 -39.43 7.64 -33.14
CA VAL C 90 -38.85 6.69 -32.20
C VAL C 90 -39.74 5.46 -32.09
N LEU C 91 -39.12 4.29 -32.27
CA LEU C 91 -39.76 3.02 -32.10
C LEU C 91 -38.98 2.13 -31.14
N MET C 92 -39.61 1.72 -30.07
CA MET C 92 -38.95 0.93 -29.04
C MET C 92 -39.52 -0.46 -28.96
N LEU C 93 -38.72 -1.44 -29.38
CA LEU C 93 -39.12 -2.82 -29.31
C LEU C 93 -38.15 -3.63 -28.44
N GLN C 94 -37.41 -2.99 -27.55
CA GLN C 94 -36.45 -3.73 -26.75
C GLN C 94 -37.15 -4.71 -25.79
N ASN C 95 -36.47 -5.78 -25.43
CA ASN C 95 -36.96 -6.69 -24.41
C ASN C 95 -38.30 -7.34 -24.85
N ASN C 96 -38.22 -8.01 -25.98
CA ASN C 96 -39.30 -8.80 -26.54
C ASN C 96 -38.68 -10.15 -26.92
N GLN C 97 -39.34 -10.91 -27.81
CA GLN C 97 -38.94 -12.28 -28.14
C GLN C 97 -38.61 -12.46 -29.60
N LEU C 98 -38.20 -11.39 -30.26
CA LEU C 98 -37.88 -11.47 -31.66
C LEU C 98 -36.64 -12.32 -31.81
N ARG C 99 -36.65 -13.20 -32.81
CA ARG C 99 -35.51 -14.06 -33.15
C ARG C 99 -34.83 -13.67 -34.47
N HIS C 100 -35.44 -12.79 -35.23
CA HIS C 100 -34.75 -12.14 -36.33
C HIS C 100 -35.37 -10.79 -36.43
N VAL C 101 -34.73 -9.89 -37.17
CA VAL C 101 -35.32 -8.57 -37.39
C VAL C 101 -36.48 -8.76 -38.35
N PRO C 102 -37.67 -8.22 -38.02
CA PRO C 102 -38.80 -8.33 -38.96
C PRO C 102 -38.34 -8.04 -40.37
N THR C 103 -38.72 -8.92 -41.25
CA THR C 103 -38.32 -8.96 -42.64
C THR C 103 -38.81 -7.75 -43.44
N GLU C 104 -39.97 -7.20 -43.04
CA GLU C 104 -40.66 -6.14 -43.80
C GLU C 104 -41.32 -5.08 -42.97
N ALA C 105 -41.72 -5.35 -41.74
CA ALA C 105 -42.46 -4.34 -40.94
C ALA C 105 -41.69 -3.05 -40.76
N LEU C 106 -40.37 -3.14 -40.74
CA LEU C 106 -39.55 -1.95 -40.47
C LEU C 106 -39.10 -1.21 -41.72
N GLN C 107 -39.39 -1.69 -42.94
CA GLN C 107 -38.90 -0.96 -44.11
C GLN C 107 -39.77 0.27 -44.38
N ASN C 108 -39.16 1.34 -44.86
CA ASN C 108 -39.91 2.51 -45.34
C ASN C 108 -40.66 3.30 -44.26
N LEU C 109 -40.18 3.21 -43.01
CA LEU C 109 -40.64 4.10 -41.96
C LEU C 109 -39.82 5.34 -42.12
N ARG C 110 -40.32 6.25 -42.97
CA ARG C 110 -39.48 7.33 -43.52
C ARG C 110 -39.10 8.43 -42.55
N SER C 111 -39.85 8.55 -41.46
CA SER C 111 -39.56 9.57 -40.42
C SER C 111 -38.68 9.04 -39.30
N LEU C 112 -38.46 7.74 -39.30
CA LEU C 112 -37.90 7.03 -38.16
C LEU C 112 -36.43 7.36 -37.91
N GLN C 113 -36.14 7.97 -36.74
CA GLN C 113 -34.77 8.34 -36.36
C GLN C 113 -34.10 7.44 -35.33
N SER C 114 -34.88 6.73 -34.51
CA SER C 114 -34.35 5.89 -33.45
C SER C 114 -35.12 4.58 -33.36
N LEU C 115 -34.37 3.49 -33.48
CA LEU C 115 -34.91 2.15 -33.43
C LEU C 115 -34.16 1.27 -32.41
N ARG C 116 -34.89 0.84 -31.39
CA ARG C 116 -34.39 -0.06 -30.35
C ARG C 116 -34.85 -1.47 -30.54
N LEU C 117 -33.90 -2.33 -30.86
CA LEU C 117 -34.15 -3.75 -30.99
C LEU C 117 -33.30 -4.54 -29.94
N ASP C 118 -32.78 -3.84 -28.95
CA ASP C 118 -31.91 -4.46 -27.97
C ASP C 118 -32.64 -5.49 -27.08
N ALA C 119 -31.89 -6.44 -26.54
CA ALA C 119 -32.43 -7.39 -25.57
C ALA C 119 -33.62 -8.18 -26.14
N ASN C 120 -33.43 -8.72 -27.34
CA ASN C 120 -34.33 -9.67 -27.94
C ASN C 120 -33.50 -10.93 -28.04
N HIS C 121 -33.85 -11.84 -28.95
CA HIS C 121 -33.04 -13.04 -29.15
C HIS C 121 -32.67 -13.14 -30.60
N ILE C 122 -32.36 -11.99 -31.17
CA ILE C 122 -32.21 -11.84 -32.60
C ILE C 122 -30.93 -12.50 -33.12
N SER C 123 -31.07 -13.45 -34.03
CA SER C 123 -29.91 -14.14 -34.56
C SER C 123 -29.65 -13.85 -36.03
N TYR C 124 -30.52 -13.11 -36.68
CA TYR C 124 -30.51 -13.00 -38.14
C TYR C 124 -31.04 -11.62 -38.50
N VAL C 125 -30.30 -10.87 -39.31
CA VAL C 125 -30.80 -9.58 -39.86
C VAL C 125 -31.05 -9.79 -41.36
N PRO C 126 -32.35 -9.88 -41.76
CA PRO C 126 -32.57 -10.05 -43.19
C PRO C 126 -31.96 -8.92 -44.00
N PRO C 127 -31.35 -9.25 -45.15
CA PRO C 127 -30.63 -8.31 -46.01
C PRO C 127 -31.32 -6.96 -46.30
N SER C 128 -32.65 -6.92 -46.41
CA SER C 128 -33.31 -5.65 -46.73
C SER C 128 -34.37 -5.25 -45.73
N CYS C 129 -34.23 -5.66 -44.47
CA CYS C 129 -35.18 -5.26 -43.43
C CYS C 129 -35.09 -3.78 -43.05
N PHE C 130 -33.98 -3.10 -43.41
CA PHE C 130 -33.85 -1.67 -43.13
C PHE C 130 -34.03 -0.72 -44.37
N SER C 131 -34.51 -1.26 -45.47
CA SER C 131 -34.69 -0.53 -46.72
C SER C 131 -35.65 0.61 -46.49
N GLY C 132 -35.30 1.82 -46.92
CA GLY C 132 -36.16 2.98 -46.73
C GLY C 132 -36.00 3.69 -45.40
N LEU C 133 -35.03 3.29 -44.58
CA LEU C 133 -34.83 3.90 -43.28
C LEU C 133 -33.75 4.99 -43.38
N HIS C 134 -34.02 5.96 -44.28
CA HIS C 134 -33.09 7.06 -44.61
C HIS C 134 -32.97 8.13 -43.56
N SER C 135 -33.92 8.15 -42.63
CA SER C 135 -33.88 9.05 -41.45
C SER C 135 -33.22 8.40 -40.21
N LEU C 136 -33.01 7.09 -40.24
CA LEU C 136 -32.52 6.39 -39.06
C LEU C 136 -31.12 6.91 -38.67
N ARG C 137 -31.00 7.39 -37.42
CA ARG C 137 -29.77 7.97 -36.91
C ARG C 137 -29.11 7.13 -35.81
N HIS C 138 -29.92 6.43 -35.04
CA HIS C 138 -29.51 5.68 -33.86
C HIS C 138 -30.10 4.27 -33.97
N LEU C 139 -29.27 3.23 -33.83
CA LEU C 139 -29.72 1.84 -33.86
C LEU C 139 -29.14 1.06 -32.70
N TRP C 140 -30.02 0.43 -31.94
CA TRP C 140 -29.60 -0.44 -30.84
C TRP C 140 -29.92 -1.86 -31.17
N LEU C 141 -28.87 -2.66 -31.29
CA LEU C 141 -28.93 -4.08 -31.51
C LEU C 141 -28.16 -4.85 -30.41
N ASP C 142 -27.88 -4.17 -29.30
CA ASP C 142 -27.13 -4.72 -28.18
C ASP C 142 -27.92 -5.83 -27.45
N ASP C 143 -27.20 -6.84 -26.96
CA ASP C 143 -27.83 -7.95 -26.23
C ASP C 143 -28.79 -8.80 -27.09
N ASN C 144 -28.26 -9.42 -28.14
CA ASN C 144 -29.06 -10.30 -28.97
C ASN C 144 -28.24 -11.52 -29.24
N ALA C 145 -28.52 -12.28 -30.30
CA ALA C 145 -27.76 -13.49 -30.60
C ALA C 145 -26.98 -13.37 -31.91
N LEU C 146 -26.42 -12.21 -32.19
CA LEU C 146 -25.80 -12.01 -33.46
C LEU C 146 -24.45 -12.70 -33.53
N THR C 147 -24.20 -13.31 -34.66
CA THR C 147 -23.05 -14.16 -34.83
C THR C 147 -22.05 -13.60 -35.84
N GLU C 148 -22.47 -12.56 -36.57
CA GLU C 148 -21.61 -11.83 -37.51
C GLU C 148 -22.22 -10.49 -37.78
N ILE C 149 -21.50 -9.68 -38.55
CA ILE C 149 -21.98 -8.33 -38.80
C ILE C 149 -22.91 -8.44 -40.03
N PRO C 150 -24.11 -7.87 -39.92
CA PRO C 150 -25.04 -7.93 -41.06
C PRO C 150 -24.69 -6.84 -42.06
N VAL C 151 -23.69 -7.16 -42.87
CA VAL C 151 -23.06 -6.26 -43.85
C VAL C 151 -24.11 -5.72 -44.79
N GLN C 152 -24.86 -6.64 -45.37
CA GLN C 152 -25.93 -6.33 -46.33
C GLN C 152 -26.90 -5.27 -45.80
N ALA C 153 -27.57 -5.57 -44.69
CA ALA C 153 -28.64 -4.71 -44.17
C ALA C 153 -28.20 -3.31 -43.88
N PHE C 154 -26.94 -3.19 -43.44
CA PHE C 154 -26.27 -1.93 -43.10
C PHE C 154 -25.88 -1.07 -44.30
N ARG C 155 -25.82 -1.63 -45.49
CA ARG C 155 -25.67 -0.79 -46.67
C ARG C 155 -26.85 0.19 -46.86
N SER C 156 -28.00 -0.07 -46.24
CA SER C 156 -29.15 0.80 -46.45
C SER C 156 -29.34 1.88 -45.42
N LEU C 157 -28.37 2.03 -44.50
CA LEU C 157 -28.38 3.03 -43.41
C LEU C 157 -27.23 4.08 -43.46
N SER C 158 -27.11 4.91 -44.50
CA SER C 158 -25.89 5.77 -44.57
C SER C 158 -26.00 7.10 -43.77
N ALA C 159 -27.23 7.38 -43.31
CA ALA C 159 -27.54 8.49 -42.38
C ALA C 159 -27.34 8.18 -40.90
N LEU C 160 -27.00 6.92 -40.58
CA LEU C 160 -26.79 6.47 -39.19
C LEU C 160 -25.59 7.14 -38.56
N GLN C 161 -25.80 7.69 -37.34
CA GLN C 161 -24.78 8.35 -36.51
C GLN C 161 -24.34 7.55 -35.27
N ALA C 162 -25.22 6.72 -34.71
CA ALA C 162 -24.90 5.97 -33.52
C ALA C 162 -25.42 4.55 -33.62
N MET C 163 -24.56 3.59 -33.28
CA MET C 163 -24.95 2.20 -33.23
C MET C 163 -24.25 1.38 -32.16
N THR C 164 -25.02 0.48 -31.54
CA THR C 164 -24.44 -0.52 -30.64
C THR C 164 -24.83 -1.92 -31.02
N LEU C 165 -23.81 -2.78 -31.16
CA LEU C 165 -23.93 -4.19 -31.39
C LEU C 165 -23.28 -4.94 -30.19
N ALA C 166 -23.27 -4.31 -29.02
CA ALA C 166 -22.61 -4.89 -27.86
C ALA C 166 -23.40 -6.10 -27.37
N LEU C 167 -22.73 -6.97 -26.62
CA LEU C 167 -23.37 -8.10 -26.01
C LEU C 167 -24.02 -8.97 -27.08
N ASN C 168 -23.23 -9.38 -28.06
CA ASN C 168 -23.61 -10.39 -29.01
C ASN C 168 -22.46 -11.38 -29.12
N LYS C 169 -22.51 -12.26 -30.12
CA LYS C 169 -21.54 -13.30 -30.28
C LYS C 169 -20.72 -13.18 -31.56
N ILE C 170 -20.30 -11.96 -31.88
CA ILE C 170 -19.62 -11.72 -33.13
C ILE C 170 -18.14 -12.08 -32.95
N HIS C 171 -17.59 -12.82 -33.91
CA HIS C 171 -16.22 -13.35 -33.75
C HIS C 171 -15.23 -12.78 -34.76
N HIS C 172 -15.73 -12.22 -35.85
CA HIS C 172 -14.89 -11.70 -36.92
C HIS C 172 -15.56 -10.48 -37.54
N ILE C 173 -14.74 -9.52 -37.99
CA ILE C 173 -15.19 -8.38 -38.76
C ILE C 173 -14.42 -8.35 -40.09
N PRO C 174 -15.13 -8.54 -41.22
CA PRO C 174 -14.44 -8.58 -42.50
C PRO C 174 -14.14 -7.17 -43.03
N ASP C 175 -13.26 -7.13 -44.02
CA ASP C 175 -13.01 -5.92 -44.76
C ASP C 175 -14.32 -5.29 -45.25
N TYR C 176 -14.42 -3.98 -45.05
CA TYR C 176 -15.57 -3.17 -45.49
C TYR C 176 -16.88 -3.50 -44.81
N ALA C 177 -16.83 -4.07 -43.61
CA ALA C 177 -18.05 -4.52 -42.93
C ALA C 177 -19.03 -3.40 -42.72
N PHE C 178 -18.49 -2.21 -42.46
CA PHE C 178 -19.34 -1.04 -42.20
C PHE C 178 -19.18 -0.01 -43.34
N GLY C 179 -18.85 -0.46 -44.53
CA GLY C 179 -18.27 0.40 -45.55
C GLY C 179 -19.07 1.57 -46.11
N ASN C 180 -20.37 1.65 -45.83
CA ASN C 180 -21.20 2.80 -46.27
C ASN C 180 -21.82 3.57 -45.10
N LEU C 181 -21.29 3.35 -43.90
CA LEU C 181 -21.71 4.10 -42.71
C LEU C 181 -20.85 5.33 -42.54
N SER C 182 -20.92 6.21 -43.53
CA SER C 182 -20.02 7.37 -43.57
C SER C 182 -20.39 8.44 -42.56
N SER C 183 -21.59 8.35 -42.00
CA SER C 183 -22.03 9.32 -41.02
C SER C 183 -21.84 8.81 -39.60
N LEU C 184 -21.45 7.55 -39.42
CA LEU C 184 -21.41 6.95 -38.09
C LEU C 184 -20.38 7.68 -37.29
N VAL C 185 -20.80 8.09 -36.09
CA VAL C 185 -19.98 8.82 -35.10
C VAL C 185 -19.56 7.90 -33.93
N VAL C 186 -20.47 7.03 -33.49
CA VAL C 186 -20.26 6.12 -32.37
C VAL C 186 -20.62 4.69 -32.72
N LEU C 187 -19.68 3.76 -32.50
CA LEU C 187 -19.84 2.36 -32.74
C LEU C 187 -19.39 1.56 -31.49
N HIS C 188 -20.28 0.75 -30.94
CA HIS C 188 -19.98 -0.03 -29.74
C HIS C 188 -20.08 -1.49 -30.05
N LEU C 189 -18.99 -2.20 -29.77
CA LEU C 189 -18.84 -3.61 -30.07
C LEU C 189 -18.36 -4.39 -28.81
N HIS C 190 -18.54 -3.82 -27.63
CA HIS C 190 -18.05 -4.44 -26.40
C HIS C 190 -18.85 -5.70 -26.05
N ASN C 191 -18.20 -6.63 -25.36
CA ASN C 191 -18.79 -7.91 -25.00
C ASN C 191 -19.29 -8.67 -26.17
N ASN C 192 -18.41 -8.85 -27.15
CA ASN C 192 -18.61 -9.78 -28.25
C ASN C 192 -17.52 -10.83 -28.13
N ARG C 193 -17.18 -11.56 -29.17
CA ARG C 193 -16.10 -12.51 -29.07
C ARG C 193 -15.11 -12.30 -30.18
N ILE C 194 -14.84 -11.04 -30.47
CA ILE C 194 -14.11 -10.71 -31.67
C ILE C 194 -12.67 -11.12 -31.51
N HIS C 195 -12.26 -12.01 -32.40
CA HIS C 195 -10.94 -12.57 -32.34
C HIS C 195 -10.11 -12.19 -33.52
N SER C 196 -10.72 -11.63 -34.54
CA SER C 196 -9.98 -11.26 -35.74
C SER C 196 -10.70 -10.18 -36.56
N LEU C 197 -9.89 -9.27 -37.09
CA LEU C 197 -10.34 -8.10 -37.80
C LEU C 197 -9.63 -8.11 -39.16
N GLY C 198 -10.36 -7.84 -40.23
CA GLY C 198 -9.72 -7.56 -41.50
C GLY C 198 -8.86 -6.31 -41.37
N LYS C 199 -7.83 -6.21 -42.18
CA LYS C 199 -6.95 -5.04 -42.14
C LYS C 199 -7.65 -3.76 -42.61
N LYS C 200 -8.80 -3.90 -43.30
CA LYS C 200 -9.61 -2.75 -43.69
C LYS C 200 -11.03 -2.86 -43.15
N CYS C 201 -11.19 -3.43 -41.98
CA CYS C 201 -12.53 -3.75 -41.50
C CYS C 201 -13.30 -2.51 -41.11
N PHE C 202 -12.61 -1.40 -40.87
CA PHE C 202 -13.25 -0.13 -40.50
C PHE C 202 -13.26 0.90 -41.64
N ASP C 203 -12.78 0.53 -42.82
CA ASP C 203 -12.76 1.47 -43.93
C ASP C 203 -14.19 1.89 -44.28
N GLY C 204 -14.33 3.16 -44.62
CA GLY C 204 -15.62 3.78 -44.86
C GLY C 204 -16.12 4.58 -43.67
N LEU C 205 -15.54 4.37 -42.49
CA LEU C 205 -16.10 5.05 -41.32
C LEU C 205 -15.47 6.43 -41.13
N HIS C 206 -15.77 7.33 -42.06
CA HIS C 206 -15.01 8.58 -42.13
C HIS C 206 -15.31 9.50 -40.97
N SER C 207 -16.52 9.39 -40.42
CA SER C 207 -16.98 10.27 -39.38
C SER C 207 -16.74 9.79 -37.93
N LEU C 208 -16.24 8.56 -37.75
CA LEU C 208 -16.28 7.86 -36.47
C LEU C 208 -15.38 8.57 -35.47
N GLU C 209 -15.98 8.94 -34.32
CA GLU C 209 -15.28 9.58 -33.21
C GLU C 209 -15.07 8.63 -32.01
N THR C 210 -15.93 7.63 -31.83
CA THR C 210 -15.82 6.70 -30.73
C THR C 210 -15.89 5.30 -31.28
N LEU C 211 -14.95 4.44 -30.89
CA LEU C 211 -15.00 3.01 -31.23
C LEU C 211 -14.68 2.20 -29.98
N ASP C 212 -15.51 1.20 -29.71
CA ASP C 212 -15.47 0.46 -28.46
C ASP C 212 -15.37 -1.01 -28.80
N LEU C 213 -14.19 -1.58 -28.55
CA LEU C 213 -13.90 -2.97 -28.80
C LEU C 213 -13.58 -3.69 -27.45
N ASN C 214 -13.97 -3.08 -26.33
CA ASN C 214 -13.67 -3.62 -25.01
C ASN C 214 -14.34 -4.97 -24.78
N TYR C 215 -13.70 -5.82 -24.00
CA TYR C 215 -14.22 -7.08 -23.63
C TYR C 215 -14.47 -7.90 -24.87
N ASN C 216 -13.39 -8.25 -25.56
CA ASN C 216 -13.43 -9.15 -26.70
C ASN C 216 -12.21 -10.06 -26.57
N ASN C 217 -11.77 -10.71 -27.66
CA ASN C 217 -10.67 -11.68 -27.69
C ASN C 217 -9.58 -11.35 -28.67
N LEU C 218 -9.34 -10.09 -28.91
CA LEU C 218 -8.32 -9.77 -29.84
C LEU C 218 -6.94 -10.23 -29.34
N ASP C 219 -6.18 -10.89 -30.20
CA ASP C 219 -4.82 -11.30 -29.88
C ASP C 219 -3.82 -10.27 -30.36
N GLU C 220 -4.30 -9.33 -31.17
CA GLU C 220 -3.41 -8.53 -31.99
C GLU C 220 -3.88 -7.10 -32.04
N PHE C 221 -2.94 -6.16 -32.10
CA PHE C 221 -3.33 -4.74 -32.09
C PHE C 221 -4.14 -4.44 -33.38
N PRO C 222 -5.37 -3.86 -33.27
CA PRO C 222 -6.27 -3.66 -34.43
C PRO C 222 -5.77 -2.56 -35.33
N THR C 223 -4.83 -2.91 -36.22
CA THR C 223 -4.17 -1.91 -37.02
C THR C 223 -5.16 -1.22 -37.97
N ALA C 224 -6.32 -1.84 -38.19
CA ALA C 224 -7.36 -1.26 -39.05
C ALA C 224 -7.89 0.09 -38.59
N ILE C 225 -7.63 0.49 -37.36
CA ILE C 225 -8.05 1.83 -36.93
C ILE C 225 -7.30 2.94 -37.65
N ARG C 226 -6.33 2.60 -38.48
CA ARG C 226 -5.43 3.58 -39.08
C ARG C 226 -6.15 4.55 -39.99
N THR C 227 -7.28 4.16 -40.54
CA THR C 227 -8.04 5.03 -41.42
C THR C 227 -8.98 5.95 -40.63
N LEU C 228 -9.17 5.69 -39.32
CA LEU C 228 -10.15 6.44 -38.52
C LEU C 228 -9.60 7.79 -38.10
N SER C 229 -9.50 8.70 -39.08
CA SER C 229 -8.82 9.97 -38.88
C SER C 229 -9.55 10.91 -37.93
N ASN C 230 -10.83 10.73 -37.70
CA ASN C 230 -11.52 11.59 -36.73
C ASN C 230 -11.72 10.93 -35.37
N LEU C 231 -11.12 9.76 -35.14
CA LEU C 231 -11.25 9.04 -33.85
C LEU C 231 -10.73 9.92 -32.70
N LYS C 232 -11.63 10.12 -31.73
CA LYS C 232 -11.36 10.80 -30.51
C LYS C 232 -11.27 9.84 -29.35
N GLU C 233 -11.98 8.72 -29.39
CA GLU C 233 -11.97 7.84 -28.25
C GLU C 233 -11.97 6.40 -28.70
N LEU C 234 -10.98 5.66 -28.22
CA LEU C 234 -10.81 4.27 -28.55
C LEU C 234 -10.74 3.47 -27.29
N GLY C 235 -11.35 2.30 -27.33
CA GLY C 235 -11.37 1.40 -26.22
C GLY C 235 -11.08 0.03 -26.74
N PHE C 236 -10.04 -0.63 -26.22
CA PHE C 236 -9.86 -2.06 -26.47
C PHE C 236 -9.34 -2.78 -25.22
N HIS C 237 -9.79 -2.32 -24.06
CA HIS C 237 -9.46 -2.96 -22.80
C HIS C 237 -10.10 -4.32 -22.64
N SER C 238 -9.45 -5.19 -21.87
CA SER C 238 -9.97 -6.53 -21.67
C SER C 238 -10.03 -7.37 -22.96
N ASN C 239 -8.89 -7.44 -23.63
CA ASN C 239 -8.61 -8.31 -24.72
C ASN C 239 -7.28 -8.99 -24.41
N ASN C 240 -6.66 -9.63 -25.39
CA ASN C 240 -5.41 -10.41 -25.21
C ASN C 240 -4.27 -9.88 -26.04
N ILE C 241 -4.19 -8.57 -26.12
CA ILE C 241 -3.19 -7.94 -26.91
C ILE C 241 -1.91 -7.80 -26.06
N ARG C 242 -0.76 -8.23 -26.60
CA ARG C 242 0.51 -8.20 -25.88
C ARG C 242 1.40 -7.03 -26.27
N SER C 243 1.04 -6.36 -27.36
CA SER C 243 1.93 -5.42 -27.95
C SER C 243 1.15 -4.28 -28.58
N ILE C 244 1.70 -3.09 -28.46
CA ILE C 244 1.23 -1.91 -29.18
C ILE C 244 2.38 -1.49 -30.07
N PRO C 245 2.21 -1.54 -31.40
CA PRO C 245 3.35 -1.44 -32.31
C PRO C 245 3.77 -0.01 -32.55
N GLU C 246 4.85 0.17 -33.32
CA GLU C 246 5.35 1.49 -33.68
C GLU C 246 4.28 2.14 -34.54
N LYS C 247 4.21 3.46 -34.50
CA LYS C 247 3.28 4.20 -35.37
C LYS C 247 1.82 3.71 -35.24
N ALA C 248 1.47 3.21 -34.06
CA ALA C 248 0.19 2.55 -33.85
C ALA C 248 -0.98 3.47 -34.08
N PHE C 249 -0.88 4.65 -33.49
CA PHE C 249 -1.95 5.65 -33.59
C PHE C 249 -1.60 6.81 -34.53
N VAL C 250 -0.77 6.55 -35.53
CA VAL C 250 -0.33 7.58 -36.49
C VAL C 250 -1.48 8.11 -37.35
N GLY C 251 -2.50 7.30 -37.55
CA GLY C 251 -3.66 7.75 -38.30
C GLY C 251 -4.73 8.40 -37.44
N ASN C 252 -4.48 8.55 -36.14
CA ASN C 252 -5.51 9.00 -35.17
C ASN C 252 -5.08 10.18 -34.33
N PRO C 253 -4.71 11.31 -34.97
CA PRO C 253 -4.14 12.44 -34.25
C PRO C 253 -5.11 13.19 -33.29
N SER C 254 -6.41 12.96 -33.39
CA SER C 254 -7.34 13.65 -32.49
C SER C 254 -7.73 12.86 -31.23
N LEU C 255 -7.10 11.72 -30.99
CA LEU C 255 -7.46 10.86 -29.86
C LEU C 255 -7.28 11.60 -28.59
N ILE C 256 -8.36 11.62 -27.80
CA ILE C 256 -8.39 12.21 -26.47
C ILE C 256 -8.19 11.12 -25.39
N THR C 257 -8.70 9.92 -25.68
CA THR C 257 -8.83 8.87 -24.72
C THR C 257 -8.55 7.55 -25.40
N ILE C 258 -7.62 6.78 -24.87
CA ILE C 258 -7.35 5.43 -25.32
C ILE C 258 -7.24 4.49 -24.12
N HIS C 259 -8.18 3.57 -24.01
CA HIS C 259 -8.26 2.65 -22.90
C HIS C 259 -7.93 1.26 -23.31
N PHE C 260 -6.94 0.68 -22.69
CA PHE C 260 -6.54 -0.67 -22.95
C PHE C 260 -5.97 -1.44 -21.72
N TYR C 261 -6.45 -1.08 -20.54
CA TYR C 261 -6.15 -1.89 -19.35
C TYR C 261 -6.66 -3.29 -19.50
N ASP C 262 -6.25 -4.17 -18.59
CA ASP C 262 -6.59 -5.59 -18.62
C ASP C 262 -6.33 -6.24 -19.98
N ASN C 263 -5.20 -5.89 -20.60
CA ASN C 263 -4.61 -6.62 -21.69
C ASN C 263 -3.26 -7.10 -21.19
N PRO C 264 -2.77 -8.22 -21.71
CA PRO C 264 -1.42 -8.60 -21.22
C PRO C 264 -0.32 -7.84 -21.95
N ILE C 265 -0.37 -6.52 -21.96
CA ILE C 265 0.60 -5.72 -22.69
C ILE C 265 2.00 -5.89 -22.12
N GLN C 266 2.96 -6.04 -23.02
CA GLN C 266 4.35 -6.26 -22.68
C GLN C 266 5.34 -5.38 -23.51
N PHE C 267 5.20 -5.31 -24.84
CA PHE C 267 5.93 -4.29 -25.65
C PHE C 267 5.06 -3.05 -25.94
N VAL C 268 5.73 -1.93 -26.14
CA VAL C 268 5.15 -0.70 -26.69
C VAL C 268 6.20 -0.09 -27.64
N GLY C 269 5.91 0.11 -28.93
CA GLY C 269 6.88 0.77 -29.83
C GLY C 269 7.36 2.12 -29.29
N ARG C 270 8.54 2.56 -29.73
CA ARG C 270 9.10 3.85 -29.23
C ARG C 270 8.15 4.96 -29.57
N SER C 271 7.74 4.96 -30.84
CA SER C 271 6.92 6.01 -31.43
C SER C 271 5.44 5.92 -31.09
N ALA C 272 4.99 4.81 -30.51
CA ALA C 272 3.56 4.47 -30.35
C ALA C 272 2.69 5.63 -29.91
N PHE C 273 3.18 6.38 -28.92
CA PHE C 273 2.38 7.45 -28.34
C PHE C 273 2.81 8.90 -28.69
N GLN C 274 3.69 9.04 -29.67
CA GLN C 274 4.03 10.35 -30.20
C GLN C 274 2.86 10.89 -30.95
N HIS C 275 2.91 12.20 -31.16
CA HIS C 275 1.98 12.93 -32.04
C HIS C 275 0.52 12.71 -31.75
N LEU C 276 0.17 12.67 -30.46
CA LEU C 276 -1.22 12.64 -30.00
C LEU C 276 -1.41 13.81 -29.08
N PRO C 277 -1.52 15.01 -29.65
CA PRO C 277 -1.55 16.27 -28.91
C PRO C 277 -2.77 16.55 -28.08
N GLU C 278 -3.76 15.67 -28.14
CA GLU C 278 -4.98 15.83 -27.35
C GLU C 278 -5.15 14.76 -26.28
N LEU C 279 -4.31 13.73 -26.30
CA LEU C 279 -4.38 12.63 -25.37
C LEU C 279 -4.17 13.11 -23.97
N ARG C 280 -5.11 12.84 -23.07
CA ARG C 280 -5.06 13.35 -21.74
C ARG C 280 -4.50 12.36 -20.71
N THR C 281 -4.56 11.06 -20.95
CA THR C 281 -4.19 10.07 -19.93
C THR C 281 -3.50 8.90 -20.62
N LEU C 282 -2.48 8.37 -19.98
CA LEU C 282 -1.88 7.13 -20.44
C LEU C 282 -1.62 6.27 -19.22
N THR C 283 -2.01 5.01 -19.33
CA THR C 283 -2.03 4.10 -18.20
C THR C 283 -1.63 2.70 -18.66
N LEU C 284 -0.48 2.26 -18.14
CA LEU C 284 0.07 0.92 -18.32
C LEU C 284 0.42 0.34 -16.96
N ASN C 285 -0.36 -0.61 -16.49
CA ASN C 285 -0.04 -1.34 -15.29
C ASN C 285 0.42 -2.73 -15.70
N GLY C 286 1.50 -3.23 -15.11
CA GLY C 286 1.91 -4.61 -15.33
C GLY C 286 2.72 -4.85 -16.59
N ALA C 287 3.28 -3.80 -17.16
CA ALA C 287 3.91 -3.82 -18.49
C ALA C 287 5.34 -4.33 -18.44
N SER C 288 5.50 -5.59 -18.14
CA SER C 288 6.68 -6.01 -17.46
C SER C 288 7.87 -6.32 -18.34
N GLN C 289 7.69 -6.26 -19.65
CA GLN C 289 8.83 -6.40 -20.54
C GLN C 289 9.35 -5.06 -21.01
N ILE C 290 8.72 -3.97 -20.60
CA ILE C 290 9.12 -2.63 -21.04
C ILE C 290 10.39 -2.19 -20.31
N THR C 291 11.44 -1.87 -21.05
CA THR C 291 12.69 -1.45 -20.44
C THR C 291 13.00 0.02 -20.65
N GLU C 292 12.32 0.67 -21.58
CA GLU C 292 12.52 2.11 -21.72
C GLU C 292 11.27 2.97 -21.77
N PHE C 293 11.39 4.10 -21.08
CA PHE C 293 10.31 5.04 -20.97
C PHE C 293 9.94 5.57 -22.36
N PRO C 294 8.66 5.53 -22.72
CA PRO C 294 8.30 5.85 -24.09
C PRO C 294 8.48 7.33 -24.43
N ASP C 295 8.81 7.60 -25.69
CA ASP C 295 8.94 8.94 -26.19
C ASP C 295 7.54 9.53 -26.41
N LEU C 296 7.30 10.71 -25.82
CA LEU C 296 6.04 11.45 -25.98
C LEU C 296 6.15 12.72 -26.84
N THR C 297 6.92 12.66 -27.91
CA THR C 297 7.11 13.83 -28.73
C THR C 297 5.83 14.19 -29.42
N GLY C 298 5.48 15.49 -29.37
CA GLY C 298 4.21 16.01 -29.92
C GLY C 298 2.96 15.57 -29.15
N THR C 299 3.15 15.10 -27.93
CA THR C 299 2.05 14.52 -27.12
C THR C 299 2.15 15.15 -25.74
N ALA C 300 1.91 16.44 -25.72
CA ALA C 300 2.33 17.27 -24.63
C ALA C 300 1.23 17.57 -23.67
N ASN C 301 0.04 16.96 -23.83
CA ASN C 301 -1.09 17.36 -22.98
C ASN C 301 -1.57 16.33 -21.96
N LEU C 302 -0.76 15.31 -21.75
CA LEU C 302 -1.00 14.36 -20.68
C LEU C 302 -1.17 15.04 -19.35
N GLU C 303 -2.29 14.74 -18.69
CA GLU C 303 -2.56 15.10 -17.30
C GLU C 303 -2.28 13.94 -16.32
N SER C 304 -2.20 12.72 -16.82
CA SER C 304 -1.90 11.63 -15.93
C SER C 304 -1.12 10.61 -16.69
N LEU C 305 -0.03 10.13 -16.07
CA LEU C 305 0.80 9.07 -16.66
C LEU C 305 1.08 8.01 -15.61
N THR C 306 0.71 6.78 -15.91
CA THR C 306 0.90 5.67 -15.04
C THR C 306 1.64 4.62 -15.82
N LEU C 307 2.83 4.25 -15.34
CA LEU C 307 3.59 3.21 -15.99
C LEU C 307 4.26 2.34 -14.90
N THR C 308 3.69 1.18 -14.59
CA THR C 308 4.07 0.40 -13.41
C THR C 308 4.33 -1.05 -13.77
N GLY C 309 5.11 -1.72 -12.92
CA GLY C 309 5.35 -3.16 -13.03
C GLY C 309 6.27 -3.49 -14.19
N ALA C 310 7.13 -2.54 -14.56
CA ALA C 310 7.99 -2.65 -15.73
C ALA C 310 9.45 -2.75 -15.32
N GLN C 311 10.36 -2.68 -16.29
CA GLN C 311 11.78 -2.78 -16.03
C GLN C 311 12.46 -1.48 -16.38
N ILE C 312 11.76 -0.38 -16.18
CA ILE C 312 12.34 0.95 -16.34
C ILE C 312 13.44 1.19 -15.25
N SER C 313 14.70 1.33 -15.64
CA SER C 313 15.80 1.62 -14.67
C SER C 313 16.28 3.08 -14.65
N SER C 314 15.94 3.86 -15.68
CA SER C 314 16.16 5.30 -15.64
C SER C 314 15.23 6.03 -16.61
N LEU C 315 15.00 7.31 -16.29
CA LEU C 315 14.30 8.27 -17.13
C LEU C 315 15.34 9.12 -17.80
N PRO C 316 15.06 9.62 -19.03
CA PRO C 316 15.94 10.62 -19.62
C PRO C 316 15.98 11.85 -18.75
N GLN C 317 17.16 12.44 -18.60
CA GLN C 317 17.34 13.70 -17.85
C GLN C 317 16.27 14.76 -18.17
N THR C 318 15.93 14.87 -19.44
CA THR C 318 15.04 15.90 -19.94
C THR C 318 13.57 15.46 -20.12
N VAL C 319 13.13 14.50 -19.31
CA VAL C 319 11.84 13.84 -19.49
C VAL C 319 10.67 14.76 -19.21
N CYS C 320 10.85 15.68 -18.27
CA CYS C 320 9.78 16.62 -17.96
C CYS C 320 9.52 17.67 -19.06
N ASN C 321 10.42 17.81 -20.02
CA ASN C 321 10.16 18.73 -21.10
C ASN C 321 8.96 18.25 -21.92
N GLN C 322 8.63 16.95 -21.86
CA GLN C 322 7.48 16.41 -22.60
C GLN C 322 6.28 16.26 -21.71
N LEU C 323 6.31 16.79 -20.49
CA LEU C 323 5.24 16.56 -19.55
C LEU C 323 4.89 17.85 -18.85
N PRO C 324 4.69 18.91 -19.64
CA PRO C 324 4.48 20.21 -19.05
C PRO C 324 3.18 20.33 -18.31
N ASN C 325 2.17 19.55 -18.70
CA ASN C 325 0.83 19.61 -18.10
C ASN C 325 0.51 18.46 -17.17
N LEU C 326 1.51 17.64 -16.89
CA LEU C 326 1.26 16.47 -16.11
C LEU C 326 0.88 16.81 -14.66
N GLN C 327 -0.21 16.23 -14.16
CA GLN C 327 -0.65 16.42 -12.79
C GLN C 327 -0.41 15.20 -11.91
N VAL C 328 -0.43 14.00 -12.50
CA VAL C 328 -0.27 12.74 -11.72
C VAL C 328 0.75 11.94 -12.48
N LEU C 329 1.81 11.54 -11.77
CA LEU C 329 2.81 10.62 -12.30
C LEU C 329 2.89 9.41 -11.38
N ASP C 330 2.77 8.23 -11.96
CA ASP C 330 2.82 7.03 -11.20
C ASP C 330 3.79 6.10 -11.86
N LEU C 331 4.97 5.92 -11.24
CA LEU C 331 5.94 4.98 -11.75
C LEU C 331 6.27 3.96 -10.68
N SER C 332 5.30 3.62 -9.85
CA SER C 332 5.55 2.64 -8.83
C SER C 332 5.95 1.32 -9.47
N TYR C 333 6.69 0.50 -8.74
CA TYR C 333 7.00 -0.88 -9.14
C TYR C 333 7.86 -0.99 -10.38
N ASN C 334 8.89 -0.16 -10.50
CA ASN C 334 9.85 -0.31 -11.56
C ASN C 334 11.24 -0.59 -10.98
N LEU C 335 12.31 -0.30 -11.72
CA LEU C 335 13.64 -0.49 -11.22
C LEU C 335 14.40 0.82 -11.16
N LEU C 336 13.72 1.94 -11.01
CA LEU C 336 14.39 3.23 -11.00
C LEU C 336 15.49 3.34 -9.91
N GLU C 337 16.66 3.83 -10.27
CA GLU C 337 17.71 4.15 -9.31
C GLU C 337 17.89 5.65 -9.23
N ASP C 338 18.39 6.25 -10.30
CA ASP C 338 18.61 7.67 -10.26
C ASP C 338 17.40 8.47 -10.81
N LEU C 339 17.09 9.54 -10.13
CA LEU C 339 15.96 10.36 -10.48
C LEU C 339 16.41 11.59 -11.23
N PRO C 340 15.72 11.97 -12.29
CA PRO C 340 16.01 13.27 -12.85
C PRO C 340 15.35 14.32 -12.01
N SER C 341 15.43 15.55 -12.45
CA SER C 341 14.72 16.63 -11.82
C SER C 341 13.34 16.77 -12.43
N PHE C 342 12.34 16.89 -11.58
CA PHE C 342 11.00 16.95 -12.03
C PHE C 342 10.46 18.37 -12.08
N SER C 343 11.35 19.35 -11.92
CA SER C 343 10.94 20.74 -11.76
C SER C 343 10.25 21.32 -12.99
N VAL C 344 10.56 20.79 -14.18
CA VAL C 344 9.86 21.28 -15.39
C VAL C 344 8.43 20.71 -15.46
N CYS C 345 8.18 19.57 -14.81
CA CYS C 345 6.83 19.09 -14.59
C CYS C 345 6.07 19.97 -13.56
N GLN C 346 5.86 21.23 -13.88
CA GLN C 346 5.39 22.20 -12.89
C GLN C 346 4.03 21.93 -12.29
N LYS C 347 3.19 21.22 -13.04
CA LYS C 347 1.81 21.03 -12.64
C LYS C 347 1.58 19.82 -11.73
N LEU C 348 2.64 19.05 -11.46
CA LEU C 348 2.51 17.82 -10.67
C LEU C 348 1.85 18.07 -9.34
N GLN C 349 0.84 17.27 -9.07
CA GLN C 349 0.15 17.26 -7.84
C GLN C 349 0.39 15.98 -7.05
N LYS C 350 0.77 14.89 -7.72
CA LYS C 350 1.00 13.61 -7.06
C LYS C 350 2.09 12.93 -7.81
N ILE C 351 3.08 12.43 -7.07
CA ILE C 351 4.15 11.59 -7.59
C ILE C 351 4.15 10.30 -6.78
N ASP C 352 4.16 9.15 -7.45
CA ASP C 352 4.19 7.85 -6.77
C ASP C 352 5.34 7.09 -7.34
N LEU C 353 6.43 6.92 -6.57
CA LEU C 353 7.61 6.19 -7.00
C LEU C 353 7.90 4.98 -6.08
N ARG C 354 6.87 4.45 -5.45
CA ARG C 354 7.03 3.37 -4.54
C ARG C 354 7.58 2.17 -5.21
N HIS C 355 8.29 1.32 -4.45
CA HIS C 355 8.90 0.07 -4.94
C HIS C 355 9.75 0.25 -6.20
N ASN C 356 10.72 1.13 -6.11
CA ASN C 356 11.82 1.21 -7.06
C ASN C 356 13.10 0.98 -6.27
N GLU C 357 14.23 1.39 -6.81
CA GLU C 357 15.52 1.12 -6.20
C GLU C 357 16.24 2.45 -5.96
N ILE C 358 15.52 3.43 -5.47
CA ILE C 358 16.06 4.79 -5.41
C ILE C 358 16.94 4.85 -4.16
N TYR C 359 18.17 5.37 -4.32
CA TYR C 359 19.19 5.34 -3.26
C TYR C 359 19.47 6.72 -2.64
N GLU C 360 19.29 7.79 -3.40
CA GLU C 360 19.32 9.13 -2.85
C GLU C 360 18.27 10.02 -3.51
N ILE C 361 17.78 10.98 -2.73
CA ILE C 361 17.05 12.14 -3.19
C ILE C 361 17.99 13.39 -3.15
N LYS C 362 18.25 14.01 -4.30
CA LYS C 362 19.10 15.20 -4.37
C LYS C 362 18.36 16.51 -4.12
N VAL C 363 19.11 17.60 -4.02
CA VAL C 363 18.55 18.93 -3.78
C VAL C 363 17.56 19.35 -4.86
N ASP C 364 17.84 18.88 -6.08
CA ASP C 364 17.33 19.31 -7.38
C ASP C 364 16.04 18.57 -7.84
N THR C 365 15.77 17.43 -7.25
CA THR C 365 14.81 16.47 -7.78
C THR C 365 13.37 16.98 -7.84
N PHE C 366 12.92 17.54 -6.72
CA PHE C 366 11.58 18.07 -6.49
C PHE C 366 11.50 19.58 -6.24
N GLN C 367 12.46 20.32 -6.76
CA GLN C 367 12.52 21.75 -6.49
C GLN C 367 11.41 22.50 -7.31
N GLN C 368 10.68 23.40 -6.64
CA GLN C 368 9.71 24.31 -7.23
C GLN C 368 8.48 23.61 -7.81
N LEU C 369 8.06 22.51 -7.19
CA LEU C 369 6.79 21.87 -7.52
C LEU C 369 5.72 22.39 -6.55
N LEU C 370 5.24 23.58 -6.84
CA LEU C 370 4.39 24.36 -5.94
C LEU C 370 3.01 23.74 -5.73
N SER C 371 2.59 22.85 -6.62
CA SER C 371 1.30 22.16 -6.49
C SER C 371 1.38 20.72 -5.98
N LEU C 372 2.59 20.22 -5.75
CA LEU C 372 2.75 18.85 -5.26
C LEU C 372 2.12 18.67 -3.89
N ARG C 373 1.08 17.82 -3.84
CA ARG C 373 0.36 17.51 -2.60
C ARG C 373 0.88 16.27 -1.92
N SER C 374 1.38 15.33 -2.68
CA SER C 374 1.58 14.00 -2.16
C SER C 374 2.74 13.39 -2.88
N LEU C 375 3.65 12.80 -2.12
CA LEU C 375 4.84 12.23 -2.69
C LEU C 375 5.08 10.91 -1.99
N ASN C 376 5.18 9.85 -2.79
CA ASN C 376 5.30 8.50 -2.25
C ASN C 376 6.57 7.91 -2.73
N LEU C 377 7.48 7.61 -1.79
CA LEU C 377 8.78 7.01 -2.06
C LEU C 377 8.98 5.78 -1.17
N ALA C 378 7.89 5.12 -0.84
CA ALA C 378 7.96 3.99 0.03
C ALA C 378 8.66 2.88 -0.68
N TRP C 379 9.32 2.03 0.11
CA TRP C 379 9.96 0.80 -0.37
C TRP C 379 10.95 1.09 -1.47
N ASN C 380 11.81 2.05 -1.21
CA ASN C 380 12.99 2.25 -2.04
C ASN C 380 14.24 1.90 -1.19
N LYS C 381 15.42 2.35 -1.60
CA LYS C 381 16.64 2.13 -0.81
C LYS C 381 17.26 3.45 -0.45
N ILE C 382 16.47 4.39 0.02
CA ILE C 382 16.96 5.73 0.17
C ILE C 382 17.79 5.83 1.46
N ALA C 383 19.07 6.17 1.33
CA ALA C 383 19.96 6.34 2.50
C ALA C 383 20.36 7.81 2.76
N ILE C 384 20.27 8.68 1.78
CA ILE C 384 20.33 10.11 2.07
C ILE C 384 19.31 10.91 1.28
N ILE C 385 18.76 11.89 1.97
CA ILE C 385 17.98 12.94 1.37
C ILE C 385 18.72 14.24 1.62
N HIS C 386 18.91 15.02 0.58
CA HIS C 386 19.49 16.32 0.75
C HIS C 386 18.61 17.13 1.70
N PRO C 387 19.20 17.89 2.64
CA PRO C 387 18.41 18.69 3.63
C PRO C 387 17.46 19.76 3.06
N ASN C 388 17.79 20.26 1.88
CA ASN C 388 16.96 21.18 1.14
C ASN C 388 16.12 20.56 0.01
N ALA C 389 15.98 19.22 -0.05
CA ALA C 389 15.33 18.54 -1.20
C ALA C 389 13.87 18.93 -1.36
N PHE C 390 13.23 19.20 -0.21
CA PHE C 390 11.84 19.57 -0.05
C PHE C 390 11.64 21.03 0.39
N SER C 391 12.64 21.86 0.15
CA SER C 391 12.55 23.24 0.58
C SER C 391 11.39 24.01 -0.10
N THR C 392 11.10 23.70 -1.36
CA THR C 392 10.14 24.51 -2.14
C THR C 392 8.97 23.69 -2.63
N LEU C 393 8.30 23.05 -1.67
CA LEU C 393 7.10 22.27 -1.85
C LEU C 393 6.02 22.78 -0.88
N PRO C 394 5.61 24.04 -1.04
CA PRO C 394 4.64 24.66 -0.14
C PRO C 394 3.29 23.90 -0.02
N SER C 395 2.86 23.16 -1.06
CA SER C 395 1.60 22.39 -0.99
C SER C 395 1.75 20.96 -0.46
N LEU C 396 2.97 20.52 -0.15
CA LEU C 396 3.17 19.15 0.32
C LEU C 396 2.39 18.82 1.61
N ILE C 397 1.58 17.79 1.51
CA ILE C 397 0.58 17.45 2.50
C ILE C 397 0.84 16.02 2.98
N LYS C 398 1.43 15.18 2.13
CA LYS C 398 1.59 13.76 2.42
C LYS C 398 2.92 13.31 1.92
N LEU C 399 3.71 12.69 2.82
CA LEU C 399 5.02 12.20 2.43
C LEU C 399 5.21 10.81 2.93
N ASP C 400 5.57 9.90 2.07
CA ASP C 400 5.69 8.54 2.52
C ASP C 400 7.04 8.05 2.18
N LEU C 401 7.84 7.81 3.21
CA LEU C 401 9.18 7.30 3.08
C LEU C 401 9.38 5.98 3.84
N SER C 402 8.33 5.19 3.93
CA SER C 402 8.32 3.89 4.62
C SER C 402 9.35 2.99 4.00
N SER C 403 9.96 2.14 4.85
CA SER C 403 10.87 1.08 4.40
C SER C 403 11.90 1.58 3.39
N ASN C 404 12.61 2.61 3.81
CA ASN C 404 13.86 3.02 3.19
C ASN C 404 15.03 2.74 4.13
N LEU C 405 16.19 3.39 3.90
CA LEU C 405 17.41 3.11 4.70
C LEU C 405 17.86 4.41 5.33
N LEU C 406 16.95 5.17 5.88
CA LEU C 406 17.29 6.51 6.36
C LEU C 406 17.86 6.37 7.75
N SER C 407 18.76 7.30 8.10
CA SER C 407 19.21 7.49 9.47
C SER C 407 19.06 8.94 9.91
N SER C 408 18.47 9.76 9.04
CA SER C 408 18.07 11.12 9.40
C SER C 408 16.98 11.59 8.46
N PHE C 409 16.37 12.71 8.79
CA PHE C 409 15.30 13.14 7.97
C PHE C 409 15.17 14.65 7.97
N PRO C 410 15.04 15.29 6.77
CA PRO C 410 14.93 16.75 6.69
C PRO C 410 13.67 17.32 7.36
N ILE C 411 13.84 18.50 7.90
CA ILE C 411 12.78 19.34 8.42
C ILE C 411 12.35 20.36 7.35
N THR C 412 13.35 21.01 6.75
CA THR C 412 13.16 22.18 5.89
C THR C 412 12.04 21.96 4.85
N GLY C 413 11.00 22.78 5.00
CA GLY C 413 9.86 22.84 4.10
C GLY C 413 8.77 21.82 4.30
N LEU C 414 8.67 21.23 5.48
CA LEU C 414 7.69 20.17 5.73
C LEU C 414 6.75 20.48 6.87
N HIS C 415 6.75 21.73 7.32
CA HIS C 415 5.81 22.18 8.34
C HIS C 415 4.32 22.04 7.97
N GLY C 416 4.02 21.99 6.67
CA GLY C 416 2.65 21.80 6.16
C GLY C 416 2.06 20.39 6.17
N LEU C 417 2.89 19.39 6.49
CA LEU C 417 2.47 18.01 6.37
C LEU C 417 1.35 17.66 7.32
N THR C 418 0.45 16.82 6.81
CA THR C 418 -0.62 16.24 7.59
C THR C 418 -0.42 14.74 7.74
N HIS C 419 0.35 14.13 6.83
CA HIS C 419 0.58 12.69 6.75
C HIS C 419 2.07 12.49 6.56
N LEU C 420 2.70 11.77 7.50
CA LEU C 420 4.13 11.42 7.40
C LEU C 420 4.35 9.94 7.75
N LYS C 421 5.08 9.24 6.89
CA LYS C 421 5.23 7.81 7.09
C LYS C 421 6.67 7.38 6.98
N LEU C 422 7.21 6.95 8.13
CA LEU C 422 8.63 6.66 8.31
C LEU C 422 8.97 5.22 8.80
N THR C 423 7.98 4.43 9.16
CA THR C 423 8.21 3.09 9.62
C THR C 423 9.02 2.28 8.62
N GLY C 424 10.00 1.53 9.12
CA GLY C 424 10.83 0.67 8.29
C GLY C 424 12.15 1.29 7.94
N ASN C 425 12.44 2.42 8.58
CA ASN C 425 13.73 3.07 8.59
C ASN C 425 14.39 2.81 9.97
N HIS C 426 15.13 1.69 10.06
CA HIS C 426 15.59 1.13 11.38
C HIS C 426 16.65 2.02 12.00
N ALA C 427 17.56 2.52 11.17
CA ALA C 427 18.56 3.53 11.60
C ALA C 427 18.05 4.93 11.95
N LEU C 428 16.76 5.20 11.85
CA LEU C 428 16.27 6.54 12.12
C LEU C 428 15.76 6.53 13.53
N GLN C 429 16.73 6.76 14.41
CA GLN C 429 16.47 6.72 15.85
C GLN C 429 16.43 8.11 16.45
N SER C 430 16.96 9.09 15.72
CA SER C 430 16.84 10.49 16.09
C SER C 430 15.40 10.92 16.30
N LEU C 431 15.21 11.93 17.15
CA LEU C 431 13.88 12.44 17.47
C LEU C 431 13.39 13.49 16.48
N ILE C 432 12.12 13.40 16.11
CA ILE C 432 11.38 14.42 15.40
C ILE C 432 10.43 15.08 16.39
N SER C 433 10.26 16.40 16.31
CA SER C 433 9.51 17.11 17.34
C SER C 433 8.35 17.91 16.78
N SER C 434 7.28 17.93 17.56
CA SER C 434 6.00 18.52 17.18
C SER C 434 6.02 20.00 16.77
N GLU C 435 7.09 20.71 17.13
CA GLU C 435 7.25 22.11 16.75
C GLU C 435 7.44 22.30 15.24
N ASN C 436 8.15 21.36 14.62
CA ASN C 436 8.41 21.44 13.19
C ASN C 436 7.28 20.87 12.33
N PHE C 437 6.44 20.03 12.95
CA PHE C 437 5.34 19.40 12.28
C PHE C 437 4.02 19.64 13.03
N PRO C 438 3.61 20.91 13.14
CA PRO C 438 2.37 21.17 13.90
C PRO C 438 1.10 20.63 13.22
N GLU C 439 1.13 20.48 11.89
CA GLU C 439 -0.03 20.12 11.10
C GLU C 439 -0.31 18.61 11.00
N LEU C 440 0.58 17.76 11.50
CA LEU C 440 0.42 16.29 11.37
C LEU C 440 -0.80 15.74 12.09
N LYS C 441 -1.53 14.90 11.38
CA LYS C 441 -2.71 14.23 11.87
C LYS C 441 -2.54 12.70 11.75
N VAL C 442 -1.62 12.23 10.89
CA VAL C 442 -1.33 10.80 10.73
C VAL C 442 0.19 10.63 10.62
N ILE C 443 0.76 9.84 11.52
CA ILE C 443 2.22 9.67 11.61
C ILE C 443 2.55 8.23 11.80
N GLU C 444 3.54 7.74 11.06
CA GLU C 444 4.09 6.42 11.31
C GLU C 444 5.57 6.60 11.54
N MET C 445 5.99 6.40 12.79
CA MET C 445 7.39 6.60 13.19
C MET C 445 8.14 5.28 13.10
N PRO C 446 9.48 5.35 13.01
CA PRO C 446 10.24 4.09 13.03
C PRO C 446 10.11 3.34 14.39
N TYR C 447 10.04 4.07 15.52
CA TYR C 447 9.86 3.47 16.82
C TYR C 447 8.80 4.20 17.64
N ALA C 448 8.16 3.44 18.54
CA ALA C 448 7.15 3.97 19.46
C ALA C 448 7.65 5.10 20.37
N TYR C 449 8.92 5.08 20.76
CA TYR C 449 9.47 6.16 21.61
C TYR C 449 9.49 7.52 20.90
N GLN C 450 9.56 7.46 19.57
CA GLN C 450 9.52 8.64 18.71
C GLN C 450 8.13 9.25 18.68
N CYS C 451 7.09 8.42 18.78
CA CYS C 451 5.72 8.92 18.96
C CYS C 451 5.59 9.65 20.28
N CYS C 452 6.06 9.03 21.35
CA CYS C 452 5.97 9.60 22.71
C CYS C 452 6.60 10.97 22.81
N ALA C 453 7.83 11.04 22.32
CA ALA C 453 8.61 12.28 22.20
C ALA C 453 7.85 13.37 21.44
N PHE C 454 7.14 12.97 20.39
CA PHE C 454 6.22 13.84 19.66
C PHE C 454 5.15 14.41 20.58
N GLY C 455 4.65 13.56 21.47
CA GLY C 455 3.66 13.95 22.49
C GLY C 455 2.43 13.05 22.47
N VAL C 456 2.62 11.77 22.17
CA VAL C 456 1.52 10.87 21.80
C VAL C 456 1.92 9.42 22.04
N CYS C 457 1.51 8.83 23.15
CA CYS C 457 1.89 7.44 23.46
C CYS C 457 0.73 6.46 23.35
N VAL C 467 -5.44 12.87 16.52
CA VAL C 467 -4.08 12.88 15.96
C VAL C 467 -3.33 11.57 16.28
N GLN C 468 -2.85 10.90 15.24
CA GLN C 468 -2.54 9.47 15.29
C GLN C 468 -1.08 9.21 14.97
N CYS C 469 -0.37 8.58 15.92
CA CYS C 469 1.02 8.18 15.72
C CYS C 469 1.16 6.69 16.01
N SER C 470 1.90 5.96 15.19
CA SER C 470 2.18 4.56 15.47
C SER C 470 3.67 4.25 15.17
N PRO C 471 4.25 3.21 15.78
CA PRO C 471 3.57 2.39 16.80
C PRO C 471 3.57 3.01 18.21
N CYS D 5 -41.11 -1.60 -6.46
CA CYS D 5 -40.24 -2.82 -6.60
C CYS D 5 -40.62 -3.73 -7.79
N LYS D 6 -41.11 -3.12 -8.87
CA LYS D 6 -41.37 -3.78 -10.15
C LYS D 6 -40.06 -4.18 -10.84
N GLY D 7 -40.12 -5.26 -11.60
CA GLY D 7 -38.99 -5.70 -12.42
C GLY D 7 -37.76 -6.12 -11.64
N CYS D 8 -37.99 -6.49 -10.38
CA CYS D 8 -36.92 -6.63 -9.38
C CYS D 8 -36.75 -8.07 -8.95
N LEU D 9 -35.50 -8.55 -8.90
CA LEU D 9 -35.21 -9.87 -8.32
C LEU D 9 -35.00 -9.79 -6.80
N SER D 10 -34.54 -8.63 -6.33
CA SER D 10 -34.01 -8.50 -4.96
C SER D 10 -34.41 -7.14 -4.37
N CYS D 11 -35.49 -7.14 -3.62
CA CYS D 11 -36.18 -5.94 -3.19
C CYS D 11 -35.84 -5.60 -1.70
N SER D 12 -36.39 -4.50 -1.18
CA SER D 12 -36.21 -4.13 0.22
C SER D 12 -37.22 -3.07 0.66
N LYS D 13 -37.21 -2.75 1.95
CA LYS D 13 -38.18 -1.82 2.55
C LYS D 13 -38.00 -0.35 2.11
N ASP D 14 -36.88 0.26 2.53
CA ASP D 14 -36.67 1.71 2.36
C ASP D 14 -35.82 2.05 1.14
N ASN D 15 -35.08 1.07 0.63
CA ASN D 15 -34.16 1.29 -0.50
C ASN D 15 -34.75 1.03 -1.89
N GLY D 16 -35.99 0.54 -1.97
CA GLY D 16 -36.52 0.03 -3.22
C GLY D 16 -35.70 -1.15 -3.73
N CYS D 17 -35.63 -1.30 -5.04
CA CYS D 17 -34.97 -2.45 -5.65
C CYS D 17 -33.44 -2.39 -5.49
N SER D 18 -32.81 -3.53 -5.33
CA SER D 18 -31.33 -3.61 -5.28
C SER D 18 -30.68 -4.42 -6.42
N ARG D 19 -31.45 -5.28 -7.07
CA ARG D 19 -30.94 -6.08 -8.18
C ARG D 19 -32.11 -6.20 -9.14
N CYS D 20 -31.90 -5.91 -10.43
CA CYS D 20 -32.99 -6.01 -11.40
C CYS D 20 -33.06 -7.34 -12.15
N GLN D 21 -34.22 -7.58 -12.78
CA GLN D 21 -34.35 -8.66 -13.75
C GLN D 21 -33.34 -8.47 -14.89
N GLN D 22 -32.92 -9.58 -15.49
CA GLN D 22 -31.74 -9.64 -16.36
C GLN D 22 -31.66 -8.45 -17.36
N LYS D 23 -32.79 -8.18 -18.05
CA LYS D 23 -32.80 -7.33 -19.24
C LYS D 23 -33.16 -5.85 -18.98
N LEU D 24 -33.36 -5.49 -17.72
CA LEU D 24 -33.82 -4.17 -17.31
C LEU D 24 -32.66 -3.34 -16.77
N PHE D 25 -32.92 -2.03 -16.65
CA PHE D 25 -31.92 -1.05 -16.28
C PHE D 25 -32.14 -0.57 -14.88
N PHE D 26 -31.07 -0.54 -14.08
CA PHE D 26 -31.18 0.00 -12.73
C PHE D 26 -31.10 1.54 -12.74
N PHE D 27 -31.94 2.20 -11.97
CA PHE D 27 -31.96 3.62 -11.86
C PHE D 27 -32.26 3.94 -10.39
N LEU D 28 -31.47 4.85 -9.80
CA LEU D 28 -31.66 5.37 -8.45
C LEU D 28 -32.53 6.62 -8.51
N ARG D 29 -33.79 6.51 -8.11
CA ARG D 29 -34.65 7.70 -8.02
C ARG D 29 -34.39 8.33 -6.67
N ARG D 30 -34.33 9.66 -6.63
CA ARG D 30 -33.92 10.38 -5.43
C ARG D 30 -35.03 11.36 -5.01
N GLU D 31 -35.84 11.00 -4.02
CA GLU D 31 -36.90 11.89 -3.51
C GLU D 31 -36.31 13.00 -2.60
N GLY D 32 -35.08 12.81 -2.11
CA GLY D 32 -34.42 13.72 -1.20
C GLY D 32 -33.85 12.93 -0.04
N MET D 33 -34.53 12.99 1.11
CA MET D 33 -34.10 12.32 2.35
C MET D 33 -33.78 10.82 2.20
N ARG D 34 -34.43 10.12 1.25
CA ARG D 34 -34.10 8.73 0.95
C ARG D 34 -34.26 8.50 -0.56
N GLN D 35 -33.68 7.41 -1.02
CA GLN D 35 -33.58 7.12 -2.44
C GLN D 35 -33.98 5.68 -2.72
N TYR D 36 -34.65 5.42 -3.84
CA TYR D 36 -35.09 4.07 -4.16
C TYR D 36 -34.63 3.59 -5.55
N GLY D 37 -34.32 2.29 -5.60
CA GLY D 37 -33.83 1.64 -6.81
C GLY D 37 -34.99 1.18 -7.66
N GLU D 38 -34.81 1.26 -8.97
CA GLU D 38 -35.90 0.99 -9.91
C GLU D 38 -35.38 0.25 -11.07
N CYS D 39 -36.24 -0.53 -11.68
CA CYS D 39 -35.83 -1.35 -12.78
C CYS D 39 -36.69 -0.87 -13.93
N LEU D 40 -36.05 -0.42 -14.99
CA LEU D 40 -36.76 0.25 -16.09
C LEU D 40 -36.46 -0.38 -17.45
N HIS D 41 -37.37 -0.23 -18.42
CA HIS D 41 -37.13 -0.78 -19.76
C HIS D 41 -36.21 0.16 -20.59
N SER D 42 -36.32 1.45 -20.29
CA SER D 42 -35.38 2.44 -20.84
C SER D 42 -35.16 3.51 -19.80
N CYS D 43 -34.05 4.23 -19.95
CA CYS D 43 -33.69 5.20 -18.92
C CYS D 43 -34.46 6.49 -19.07
N PRO D 44 -34.77 7.14 -17.94
CA PRO D 44 -35.48 8.40 -17.99
C PRO D 44 -34.68 9.47 -18.71
N SER D 45 -35.39 10.54 -19.11
CA SER D 45 -34.81 11.73 -19.74
C SER D 45 -33.62 12.25 -18.97
N GLY D 46 -32.49 12.44 -19.65
CA GLY D 46 -31.23 12.88 -19.01
C GLY D 46 -30.23 11.77 -18.81
N TYR D 47 -30.67 10.53 -19.03
CA TYR D 47 -29.88 9.35 -18.75
C TYR D 47 -29.80 8.49 -20.00
N TYR D 48 -28.79 7.64 -20.07
CA TYR D 48 -28.72 6.59 -21.03
C TYR D 48 -28.49 5.25 -20.33
N GLY D 49 -28.98 4.16 -20.95
CA GLY D 49 -28.89 2.80 -20.42
C GLY D 49 -27.60 2.14 -20.86
N HIS D 50 -26.86 1.56 -19.93
CA HIS D 50 -25.58 0.90 -20.25
C HIS D 50 -25.77 -0.53 -19.84
N ARG D 51 -25.57 -1.44 -20.78
CA ARG D 51 -25.69 -2.86 -20.55
C ARG D 51 -24.33 -3.48 -20.27
N ALA D 52 -24.32 -4.38 -19.31
CA ALA D 52 -23.23 -5.28 -19.15
C ALA D 52 -23.75 -6.66 -18.76
N PRO D 53 -22.94 -7.71 -18.99
CA PRO D 53 -23.38 -9.03 -18.56
C PRO D 53 -24.01 -9.08 -17.16
N ASP D 54 -23.45 -8.36 -16.20
CA ASP D 54 -23.83 -8.54 -14.81
C ASP D 54 -24.99 -7.65 -14.42
N MET D 55 -24.97 -6.43 -14.93
CA MET D 55 -26.06 -5.53 -14.73
C MET D 55 -26.06 -4.38 -15.71
N ASN D 56 -27.23 -3.75 -15.81
CA ASN D 56 -27.46 -2.70 -16.71
C ASN D 56 -27.89 -1.51 -15.90
N ARG D 57 -27.40 -0.33 -16.22
CA ARG D 57 -27.76 0.82 -15.39
C ARG D 57 -27.92 2.08 -16.16
N CYS D 58 -28.75 2.93 -15.61
CA CYS D 58 -28.93 4.27 -16.14
C CYS D 58 -27.78 5.17 -15.62
N ALA D 59 -26.98 5.68 -16.55
CA ALA D 59 -25.95 6.65 -16.30
C ALA D 59 -26.33 8.03 -16.86
N ARG D 60 -25.81 9.07 -16.21
CA ARG D 60 -26.17 10.47 -16.50
C ARG D 60 -25.55 10.90 -17.81
N CYS D 61 -26.31 11.71 -18.57
CA CYS D 61 -25.81 12.26 -19.81
C CYS D 61 -24.65 13.20 -19.54
N ARG D 62 -23.50 12.88 -20.15
CA ARG D 62 -22.24 13.56 -19.84
C ARG D 62 -21.93 14.82 -20.67
N ILE D 63 -22.93 15.43 -21.34
CA ILE D 63 -22.67 16.29 -22.51
C ILE D 63 -23.23 17.69 -22.31
N GLU D 64 -22.44 18.71 -22.67
CA GLU D 64 -22.83 20.12 -22.50
C GLU D 64 -24.07 20.46 -23.34
N ASN D 65 -25.04 21.12 -22.71
CA ASN D 65 -26.28 21.55 -23.36
C ASN D 65 -27.09 20.42 -23.96
N CYS D 66 -27.03 19.24 -23.35
CA CYS D 66 -27.75 18.10 -23.85
C CYS D 66 -28.91 17.79 -22.91
N ASP D 67 -30.00 17.28 -23.48
CA ASP D 67 -31.16 16.83 -22.70
C ASP D 67 -31.33 15.31 -22.71
N SER D 68 -30.88 14.64 -23.78
CA SER D 68 -30.97 13.18 -23.89
C SER D 68 -29.82 12.65 -24.71
N CYS D 69 -29.52 11.35 -24.48
CA CYS D 69 -28.31 10.68 -24.90
C CYS D 69 -28.54 9.37 -25.53
N PHE D 70 -27.64 8.97 -26.39
CA PHE D 70 -27.50 7.60 -26.82
C PHE D 70 -26.43 6.97 -25.96
N SER D 71 -25.36 7.73 -25.77
CA SER D 71 -24.28 7.30 -24.95
C SER D 71 -23.67 8.53 -24.32
N LYS D 72 -22.61 8.30 -23.56
CA LYS D 72 -22.05 9.35 -22.74
C LYS D 72 -21.48 10.52 -23.53
N ASP D 73 -20.99 10.30 -24.75
CA ASP D 73 -20.53 11.44 -25.56
C ASP D 73 -21.38 11.68 -26.84
N PHE D 74 -22.57 11.09 -26.94
CA PHE D 74 -23.46 11.31 -28.11
C PHE D 74 -24.84 11.75 -27.70
N CYS D 75 -25.12 13.02 -27.91
CA CYS D 75 -26.41 13.62 -27.63
C CYS D 75 -27.42 13.33 -28.70
N THR D 76 -28.65 13.25 -28.27
CA THR D 76 -29.75 12.87 -29.08
C THR D 76 -30.81 13.99 -29.11
N LYS D 77 -30.69 14.97 -28.21
CA LYS D 77 -31.61 16.07 -28.14
C LYS D 77 -31.05 17.11 -27.20
N CYS D 78 -30.77 18.30 -27.73
CA CYS D 78 -30.09 19.37 -27.02
C CYS D 78 -31.01 20.23 -26.16
N LYS D 79 -30.43 20.89 -25.15
CA LYS D 79 -31.09 21.96 -24.39
C LYS D 79 -31.62 23.02 -25.33
N VAL D 80 -32.56 23.81 -24.85
CA VAL D 80 -33.26 24.77 -25.70
C VAL D 80 -32.32 25.89 -26.16
N GLY D 81 -32.39 26.21 -27.45
CA GLY D 81 -31.55 27.26 -28.05
C GLY D 81 -30.21 26.78 -28.60
N PHE D 82 -29.90 25.50 -28.41
CA PHE D 82 -28.67 24.89 -28.91
C PHE D 82 -29.01 23.98 -30.07
N TYR D 83 -28.11 23.93 -31.07
CA TYR D 83 -28.27 23.16 -32.30
C TYR D 83 -27.53 21.79 -32.25
N LEU D 84 -28.22 20.72 -32.65
CA LEU D 84 -27.64 19.38 -32.67
C LEU D 84 -26.80 19.13 -33.92
N HIS D 85 -25.55 18.72 -33.75
CA HIS D 85 -24.65 18.40 -34.87
C HIS D 85 -23.72 17.26 -34.45
N ARG D 86 -23.80 16.11 -35.12
CA ARG D 86 -22.99 14.92 -34.79
C ARG D 86 -22.95 14.56 -33.30
N GLY D 87 -24.09 14.68 -32.63
CA GLY D 87 -24.15 14.30 -31.24
C GLY D 87 -23.65 15.34 -30.27
N ARG D 88 -23.33 16.54 -30.76
CA ARG D 88 -22.93 17.65 -29.92
C ARG D 88 -23.94 18.79 -30.04
N CYS D 89 -23.94 19.68 -29.02
CA CYS D 89 -24.86 20.83 -28.96
C CYS D 89 -24.15 22.21 -28.95
N PHE D 90 -24.37 23.01 -29.99
CA PHE D 90 -23.68 24.30 -30.14
C PHE D 90 -24.66 25.48 -30.22
N ASP D 91 -24.25 26.65 -29.70
CA ASP D 91 -25.04 27.90 -29.79
C ASP D 91 -25.24 28.26 -31.25
N GLU D 92 -24.15 28.68 -31.88
CA GLU D 92 -24.09 28.89 -33.32
C GLU D 92 -23.70 27.55 -33.96
N CYS D 93 -24.47 27.17 -34.98
CA CYS D 93 -24.19 26.02 -35.80
C CYS D 93 -22.95 26.32 -36.68
N PRO D 94 -21.79 25.67 -36.40
CA PRO D 94 -20.51 26.08 -37.00
C PRO D 94 -20.43 26.01 -38.53
N ASP D 95 -19.62 26.90 -39.13
CA ASP D 95 -19.48 27.02 -40.58
C ASP D 95 -19.21 25.67 -41.27
N GLY D 96 -19.57 25.59 -42.55
CA GLY D 96 -19.56 24.33 -43.29
C GLY D 96 -20.97 23.78 -43.44
N PHE D 97 -21.85 24.13 -42.50
CA PHE D 97 -23.26 23.73 -42.55
C PHE D 97 -24.09 24.72 -41.73
N ALA D 98 -25.22 25.13 -42.29
CA ALA D 98 -26.09 26.13 -41.67
C ALA D 98 -27.05 25.47 -40.67
N PRO D 99 -27.71 26.28 -39.81
CA PRO D 99 -28.72 25.75 -38.89
C PRO D 99 -30.13 25.72 -39.46
N LEU D 100 -30.92 24.68 -39.13
CA LEU D 100 -32.34 24.59 -39.47
C LEU D 100 -33.18 25.08 -38.30
N ASP D 101 -33.61 26.35 -38.35
CA ASP D 101 -34.55 26.91 -37.36
C ASP D 101 -35.69 25.92 -37.12
N GLU D 102 -36.55 25.76 -38.14
CA GLU D 102 -37.67 24.81 -38.09
C GLU D 102 -37.30 23.45 -37.45
N THR D 103 -36.08 22.97 -37.68
CA THR D 103 -35.65 21.63 -37.22
C THR D 103 -34.85 21.61 -35.90
N MET D 104 -34.19 22.71 -35.56
CA MET D 104 -33.35 22.84 -34.33
C MET D 104 -32.04 22.05 -34.43
N GLU D 105 -31.38 22.08 -35.60
CA GLU D 105 -30.25 21.19 -35.91
C GLU D 105 -29.28 21.86 -36.86
N CYS D 106 -28.53 21.06 -37.65
CA CYS D 106 -27.54 21.54 -38.60
C CYS D 106 -27.62 20.78 -39.94
#